data_3I4X
#
_entry.id   3I4X
#
_cell.length_a   79.070
_cell.length_b   97.850
_cell.length_c   125.190
_cell.angle_alpha   90.000
_cell.angle_beta   90.000
_cell.angle_gamma   90.000
#
_symmetry.space_group_name_H-M   'P 21 21 21'
#
loop_
_entity.id
_entity.type
_entity.pdbx_description
1 polymer 'Tryptophan dimethylallyltransferase'
2 non-polymer 'DIMETHYLALLYL S-THIOLODIPHOSPHATE'
3 non-polymer TRYPTOPHAN
4 non-polymer GLYCEROL
5 water water
#
_entity_poly.entity_id   1
_entity_poly.type   'polypeptide(L)'
_entity_poly.pdbx_seq_one_letter_code
;GSHGGSMKAANASSAEAYRVLSRAFRFDNEDQKLWWHSTAPMFAKMLETANYTTPCQYQYLITYKECVIPSLGCYPTNSA
PRWLSILTRYGTPFELSLNCSNSIVRYTFEPINQHTGTDKDPFNTHAIWESLQHLLPLEKSIDLEWFRHFKHDLTLNSEE
SAFLAHNDRLVGGTIRTQNKLALDLKDGRFALKTYIYPALKAVVTGKTIHELVFGSVRRLAVREPRILPPLNMLEEYIRS
RGSKSTASPRLVSCDLTSPAKSRIKIYLLEQMVSLEAMEDLWTLGGRRRDASTLEGLSLVRELWDLIQLSPGLKSYPAPY
LPLGVIPDERLPLMANFTLHQNDPVPEPQVYFTTFGMNDMAVADALTTFFERRGWSEMARTYETTLKSYYPHADHDKLNY
LHAYISFSYRDRTPYLSVYLQSFETGDWAVANLSESKVKCQDAACQPTALPPDLSKTGVYYSGLH
;
_entity_poly.pdbx_strand_id   A,B
#
loop_
_chem_comp.id
_chem_comp.type
_chem_comp.name
_chem_comp.formula
DST non-polymer 'DIMETHYLALLYL S-THIOLODIPHOSPHATE' 'C5 H12 O6 P2 S'
GOL non-polymer GLYCEROL 'C3 H8 O3'
#
# COMPACT_ATOMS: atom_id res chain seq x y z
N MET A 7 -7.61 19.14 35.66
CA MET A 7 -6.35 18.63 36.29
C MET A 7 -5.16 18.52 35.31
N LYS A 8 -4.19 19.44 35.44
CA LYS A 8 -2.97 19.41 34.62
C LYS A 8 -2.35 18.01 34.59
N ALA A 9 -1.89 17.59 33.42
CA ALA A 9 -1.38 16.24 33.24
C ALA A 9 0.15 16.24 33.00
N ALA A 10 0.78 15.10 33.25
CA ALA A 10 2.19 14.90 32.99
C ALA A 10 2.56 15.20 31.54
N ASN A 11 3.75 15.78 31.35
CA ASN A 11 4.19 16.23 30.08
C ASN A 11 5.67 15.92 29.95
N ALA A 12 6.01 15.03 29.02
CA ALA A 12 7.39 14.59 28.86
C ALA A 12 8.37 15.75 28.68
N SER A 13 7.89 16.88 28.17
CA SER A 13 8.75 18.06 28.04
C SER A 13 9.21 18.61 29.40
N SER A 14 8.68 18.09 30.48
CA SER A 14 9.15 18.55 31.78
C SER A 14 10.28 17.65 32.31
N ALA A 15 10.57 16.57 31.59
CA ALA A 15 11.63 15.66 32.07
C ALA A 15 12.90 16.47 32.31
N GLU A 16 13.46 16.36 33.51
CA GLU A 16 14.52 17.26 33.93
C GLU A 16 15.79 17.12 33.09
N ALA A 17 16.18 15.89 32.82
CA ALA A 17 17.38 15.64 32.01
C ALA A 17 17.21 16.24 30.63
N TYR A 18 16.00 16.17 30.09
CA TYR A 18 15.72 16.82 28.80
C TYR A 18 15.94 18.33 28.94
N ARG A 19 15.43 18.92 30.02
CA ARG A 19 15.52 20.38 30.17
C ARG A 19 16.94 20.83 30.46
N VAL A 20 17.65 20.08 31.27
CA VAL A 20 19.04 20.44 31.58
C VAL A 20 19.95 20.37 30.35
N LEU A 21 19.86 19.26 29.63
CA LEU A 21 20.67 19.04 28.45
C LEU A 21 20.37 20.10 27.38
N SER A 22 19.09 20.45 27.23
CA SER A 22 18.68 21.53 26.35
C SER A 22 19.42 22.84 26.70
N ARG A 23 19.66 23.09 27.98
CA ARG A 23 20.37 24.28 28.42
C ARG A 23 21.87 24.13 28.21
N ALA A 24 22.38 22.92 28.06
CA ALA A 24 23.82 22.72 28.00
C ALA A 24 24.32 22.63 26.57
N PHE A 25 23.48 22.13 25.68
CA PHE A 25 23.95 21.60 24.41
C PHE A 25 24.18 22.66 23.40
N ARG A 26 25.30 22.48 22.70
CA ARG A 26 25.60 23.19 21.50
C ARG A 26 24.99 22.43 20.34
N PHE A 27 24.23 23.13 19.49
CA PHE A 27 23.73 22.57 18.24
C PHE A 27 24.28 23.42 17.13
N ASP A 28 24.92 22.78 16.18
CA ASP A 28 25.49 23.55 15.08
C ASP A 28 24.64 23.58 13.82
N ASN A 29 23.56 22.80 13.77
CA ASN A 29 22.52 23.09 12.82
C ASN A 29 21.15 22.89 13.38
N GLU A 30 20.21 23.48 12.66
CA GLU A 30 18.82 23.54 13.00
C GLU A 30 18.18 22.15 13.02
N ASP A 31 18.55 21.31 12.07
CA ASP A 31 17.95 19.99 11.94
C ASP A 31 18.20 19.17 13.20
N GLN A 32 19.43 19.20 13.68
CA GLN A 32 19.78 18.45 14.88
C GLN A 32 19.04 18.97 16.07
N LYS A 33 18.98 20.29 16.18
CA LYS A 33 18.26 20.93 17.26
C LYS A 33 16.78 20.52 17.24
N LEU A 34 16.17 20.49 16.06
CA LEU A 34 14.77 20.09 15.94
C LEU A 34 14.64 18.63 16.31
N TRP A 35 15.55 17.80 15.80
CA TRP A 35 15.52 16.40 16.15
C TRP A 35 15.57 16.22 17.65
N TRP A 36 16.48 16.94 18.30
CA TRP A 36 16.61 16.83 19.77
C TRP A 36 15.31 17.20 20.44
N HIS A 37 14.73 18.35 20.08
CA HIS A 37 13.51 18.76 20.80
C HIS A 37 12.32 17.92 20.44
N SER A 38 12.33 17.35 19.24
CA SER A 38 11.23 16.47 18.82
C SER A 38 11.18 15.14 19.58
N THR A 39 12.37 14.57 19.83
CA THR A 39 12.45 13.19 20.35
C THR A 39 12.87 13.06 21.83
N ALA A 40 13.69 13.99 22.31
CA ALA A 40 14.27 13.90 23.67
C ALA A 40 13.25 13.96 24.82
N PRO A 41 12.15 14.73 24.66
CA PRO A 41 11.24 14.72 25.82
C PRO A 41 10.75 13.30 26.13
N MET A 42 10.32 12.59 25.10
CA MET A 42 9.83 11.21 25.29
C MET A 42 10.99 10.30 25.72
N PHE A 43 12.14 10.47 25.06
CA PHE A 43 13.32 9.67 25.38
C PHE A 43 13.66 9.90 26.89
N ALA A 44 13.75 11.15 27.33
CA ALA A 44 14.15 11.37 28.73
C ALA A 44 13.09 10.86 29.71
N LYS A 45 11.84 11.08 29.34
CA LYS A 45 10.74 10.64 30.17
C LYS A 45 10.70 9.12 30.21
N MET A 46 11.00 8.47 29.09
CA MET A 46 11.03 7.01 29.09
C MET A 46 12.14 6.46 29.99
N LEU A 47 13.33 7.03 29.89
CA LEU A 47 14.43 6.65 30.79
C LEU A 47 14.06 6.78 32.29
N GLU A 48 13.43 7.91 32.64
CA GLU A 48 13.06 8.23 33.98
C GLU A 48 12.12 7.20 34.48
N THR A 49 11.11 6.89 33.67
CA THR A 49 10.06 6.00 34.14
C THR A 49 10.54 4.55 34.13
N ALA A 50 11.56 4.26 33.34
CA ALA A 50 12.18 2.93 33.31
C ALA A 50 13.22 2.80 34.44
N ASN A 51 13.27 3.83 35.28
CA ASN A 51 14.11 3.89 36.47
C ASN A 51 15.60 3.90 36.21
N TYR A 52 16.01 4.50 35.11
CA TYR A 52 17.43 4.76 34.89
C TYR A 52 17.89 5.82 35.87
N THR A 53 19.07 5.64 36.47
CA THR A 53 19.60 6.65 37.37
C THR A 53 19.75 7.97 36.60
N THR A 54 19.78 9.08 37.32
CA THR A 54 19.99 10.39 36.71
C THR A 54 21.28 10.47 35.84
N PRO A 55 22.43 9.99 36.36
CA PRO A 55 23.64 9.99 35.51
C PRO A 55 23.49 9.18 34.22
N CYS A 56 22.80 8.06 34.27
CA CYS A 56 22.55 7.25 33.08
C CYS A 56 21.61 7.96 32.12
N GLN A 57 20.56 8.64 32.65
CA GLN A 57 19.73 9.46 31.77
C GLN A 57 20.57 10.42 30.96
N TYR A 58 21.43 11.16 31.65
CA TYR A 58 22.34 12.09 31.00
C TYR A 58 23.23 11.35 30.03
N GLN A 59 23.84 10.27 30.48
CA GLN A 59 24.81 9.59 29.64
C GLN A 59 24.19 9.21 28.30
N TYR A 60 23.00 8.57 28.35
CA TYR A 60 22.38 8.02 27.14
C TYR A 60 21.84 9.09 26.20
N LEU A 61 21.33 10.17 26.80
CA LEU A 61 20.78 11.28 26.03
C LEU A 61 21.90 12.04 25.37
N ILE A 62 23.05 12.14 26.03
CA ILE A 62 24.23 12.79 25.40
C ILE A 62 24.79 11.98 24.22
N THR A 63 24.97 10.67 24.42
CA THR A 63 25.43 9.84 23.32
C THR A 63 24.47 9.95 22.11
N TYR A 64 23.18 9.87 22.41
CA TYR A 64 22.12 10.01 21.43
C TYR A 64 22.28 11.35 20.66
N LYS A 65 22.33 12.44 21.42
CA LYS A 65 22.48 13.75 20.82
C LYS A 65 23.76 13.88 20.02
N GLU A 66 24.87 13.41 20.57
CA GLU A 66 26.19 13.68 19.93
C GLU A 66 26.53 12.69 18.83
N CYS A 67 26.11 11.44 19.00
CA CYS A 67 26.52 10.39 18.06
C CYS A 67 25.41 10.01 17.12
N VAL A 68 24.16 10.21 17.54
CA VAL A 68 23.08 9.68 16.70
C VAL A 68 22.28 10.74 15.96
N ILE A 69 21.89 11.79 16.67
CA ILE A 69 21.14 12.85 16.02
C ILE A 69 21.81 13.36 14.73
N PRO A 70 23.15 13.52 14.73
CA PRO A 70 23.76 14.02 13.50
C PRO A 70 23.63 13.02 12.35
N SER A 71 23.25 11.79 12.65
CA SER A 71 22.99 10.79 11.62
C SER A 71 21.52 10.55 11.33
N LEU A 72 20.62 11.44 11.76
CA LEU A 72 19.21 11.25 11.43
C LEU A 72 18.72 12.08 10.22
N GLY A 73 19.65 12.74 9.53
CA GLY A 73 19.34 13.59 8.36
C GLY A 73 18.53 14.81 8.77
N CYS A 74 17.97 15.49 7.78
CA CYS A 74 17.21 16.71 7.99
C CYS A 74 16.02 16.40 8.85
N TYR A 75 15.50 17.42 9.53
CA TYR A 75 14.33 17.22 10.34
C TYR A 75 13.14 16.87 9.43
N PRO A 76 12.43 15.75 9.71
CA PRO A 76 11.43 15.32 8.74
C PRO A 76 10.21 16.27 8.69
N THR A 77 9.84 16.70 7.49
CA THR A 77 8.61 17.46 7.22
C THR A 77 8.03 16.92 5.88
N ASN A 78 6.78 17.24 5.59
CA ASN A 78 6.21 16.87 4.31
C ASN A 78 6.59 17.88 3.21
N SER A 79 7.27 18.97 3.59
CA SER A 79 7.48 20.08 2.68
C SER A 79 8.83 20.05 2.00
N ALA A 80 9.76 19.23 2.49
CA ALA A 80 11.09 19.14 1.87
C ALA A 80 11.48 17.68 1.77
N PRO A 81 12.35 17.34 0.79
CA PRO A 81 12.79 15.96 0.58
C PRO A 81 13.40 15.40 1.83
N ARG A 82 13.17 14.13 2.10
CA ARG A 82 13.79 13.49 3.25
C ARG A 82 14.02 12.05 2.89
N TRP A 83 14.96 11.39 3.56
CA TRP A 83 15.13 9.99 3.34
C TRP A 83 13.96 9.27 4.03
N LEU A 84 13.25 8.40 3.30
CA LEU A 84 12.18 7.62 3.92
C LEU A 84 12.72 6.30 4.41
N SER A 85 12.70 6.14 5.73
CA SER A 85 13.19 4.92 6.39
C SER A 85 12.11 3.85 6.54
N ILE A 86 12.53 2.61 6.33
CA ILE A 86 11.67 1.47 6.52
C ILE A 86 11.34 1.34 8.00
N LEU A 87 12.10 2.03 8.85
CA LEU A 87 11.92 1.88 10.34
C LEU A 87 10.47 2.11 10.83
N THR A 88 9.84 3.16 10.34
CA THR A 88 8.48 3.50 10.78
C THR A 88 7.60 3.66 9.55
N ARG A 89 6.29 3.53 9.73
CA ARG A 89 5.31 3.74 8.64
C ARG A 89 5.40 5.17 8.09
N TYR A 90 5.82 6.11 8.93
CA TYR A 90 5.98 7.49 8.51
C TYR A 90 7.34 7.73 7.86
N GLY A 91 8.18 6.70 7.76
CA GLY A 91 9.52 6.87 7.19
C GLY A 91 10.53 7.66 8.03
N THR A 92 10.21 7.98 9.28
CA THR A 92 11.20 8.68 10.14
C THR A 92 12.26 7.67 10.63
N PRO A 93 13.53 8.11 10.71
CA PRO A 93 14.62 7.15 10.89
C PRO A 93 14.99 6.93 12.36
N PHE A 94 14.00 7.06 13.26
CA PHE A 94 14.25 6.92 14.69
C PHE A 94 13.03 6.36 15.41
N GLU A 95 13.29 5.41 16.29
CA GLU A 95 12.22 4.81 17.11
C GLU A 95 12.74 4.22 18.41
N LEU A 96 12.06 4.55 19.50
CA LEU A 96 12.38 4.00 20.82
C LEU A 96 11.54 2.75 21.05
N SER A 97 12.08 1.80 21.83
CA SER A 97 11.29 0.70 22.27
C SER A 97 11.60 0.50 23.75
N LEU A 98 10.57 0.16 24.51
CA LEU A 98 10.73 -0.09 25.93
C LEU A 98 10.62 -1.59 26.08
N ASN A 99 11.70 -2.21 26.52
CA ASN A 99 11.59 -3.59 26.91
C ASN A 99 10.89 -3.60 28.28
N CYS A 100 9.59 -3.84 28.26
CA CYS A 100 8.75 -3.71 29.46
C CYS A 100 9.10 -4.75 30.52
N SER A 101 9.59 -5.91 30.07
CA SER A 101 9.81 -6.98 31.03
C SER A 101 11.06 -6.71 31.86
N ASN A 102 12.01 -5.95 31.32
CA ASN A 102 13.22 -5.66 32.08
C ASN A 102 13.40 -4.18 32.36
N SER A 103 12.44 -3.34 31.97
CA SER A 103 12.62 -1.89 32.05
C SER A 103 13.90 -1.40 31.35
N ILE A 104 14.18 -1.91 30.14
CA ILE A 104 15.34 -1.47 29.38
C ILE A 104 14.83 -0.64 28.20
N VAL A 105 15.46 0.51 28.01
CA VAL A 105 15.12 1.40 26.90
C VAL A 105 16.07 1.09 25.77
N ARG A 106 15.55 0.98 24.55
CA ARG A 106 16.37 0.75 23.38
C ARG A 106 15.91 1.72 22.29
N TYR A 107 16.73 1.94 21.29
CA TYR A 107 16.23 2.67 20.14
C TYR A 107 16.92 2.19 18.94
N THR A 108 16.27 2.42 17.82
CA THR A 108 16.77 2.04 16.54
C THR A 108 16.81 3.28 15.68
N PHE A 109 17.82 3.39 14.82
CA PHE A 109 17.80 4.48 13.85
C PHE A 109 18.39 3.97 12.57
N GLU A 110 18.10 4.66 11.48
CA GLU A 110 18.71 4.37 10.22
C GLU A 110 19.71 5.49 9.98
N PRO A 111 21.00 5.17 10.03
CA PRO A 111 22.02 6.19 9.74
C PRO A 111 21.81 6.87 8.39
N ILE A 112 21.90 8.20 8.37
CA ILE A 112 21.70 9.00 7.15
C ILE A 112 22.79 10.04 7.23
N ASN A 113 23.46 10.32 6.14
CA ASN A 113 24.42 11.44 6.13
C ASN A 113 24.25 12.25 4.85
N GLN A 114 25.15 13.19 4.57
CA GLN A 114 24.98 14.12 3.47
C GLN A 114 24.82 13.41 2.14
N HIS A 115 25.39 12.21 2.00
CA HIS A 115 25.39 11.54 0.72
C HIS A 115 24.17 10.64 0.54
N THR A 116 23.45 10.42 1.62
CA THR A 116 22.25 9.59 1.58
C THR A 116 21.29 10.12 0.49
N GLY A 117 20.87 9.24 -0.41
CA GLY A 117 19.89 9.61 -1.39
C GLY A 117 20.39 10.49 -2.52
N THR A 118 21.69 10.79 -2.55
CA THR A 118 22.30 11.52 -3.64
C THR A 118 22.89 10.46 -4.55
N ASP A 119 23.47 10.87 -5.68
CA ASP A 119 24.03 9.85 -6.55
C ASP A 119 25.26 9.16 -5.96
N LYS A 120 25.79 9.67 -4.84
CA LYS A 120 26.96 9.07 -4.22
C LYS A 120 26.52 7.93 -3.29
N ASP A 121 25.27 7.98 -2.84
CA ASP A 121 24.73 6.89 -2.06
C ASP A 121 23.21 6.79 -2.26
N PRO A 122 22.76 6.43 -3.49
CA PRO A 122 21.33 6.56 -3.74
C PRO A 122 20.46 5.64 -2.89
N PHE A 123 21.02 4.55 -2.38
CA PHE A 123 20.20 3.65 -1.56
C PHE A 123 20.60 3.65 -0.11
N ASN A 124 21.41 4.63 0.28
CA ASN A 124 21.85 4.74 1.68
C ASN A 124 22.54 3.48 2.24
N THR A 125 23.52 3.01 1.49
CA THR A 125 24.24 1.83 1.88
C THR A 125 25.56 2.20 2.55
N HIS A 126 25.98 3.47 2.49
CA HIS A 126 27.26 3.88 3.09
C HIS A 126 27.22 4.58 4.47
N ALA A 127 26.13 5.27 4.73
CA ALA A 127 26.04 6.16 5.88
C ALA A 127 26.25 5.42 7.20
N ILE A 128 25.93 4.14 7.23
CA ILE A 128 26.07 3.37 8.49
C ILE A 128 27.49 3.36 9.02
N TRP A 129 28.50 3.40 8.12
CA TRP A 129 29.86 3.36 8.57
C TRP A 129 30.23 4.57 9.40
N GLU A 130 29.70 5.71 9.00
CA GLU A 130 29.98 6.94 9.66
C GLU A 130 29.37 6.94 11.06
N SER A 131 28.16 6.38 11.22
CA SER A 131 27.56 6.27 12.59
C SER A 131 28.34 5.34 13.46
N LEU A 132 28.82 4.23 12.90
CA LEU A 132 29.62 3.25 13.64
C LEU A 132 30.90 3.89 14.14
N GLN A 133 31.50 4.69 13.26
CA GLN A 133 32.68 5.45 13.58
C GLN A 133 32.49 6.29 14.86
N HIS A 134 31.34 6.91 15.03
CA HIS A 134 31.10 7.72 16.23
C HIS A 134 30.78 6.92 17.48
N LEU A 135 30.19 5.75 17.28
CA LEU A 135 29.81 4.87 18.38
C LEU A 135 30.91 3.94 18.90
N LEU A 136 31.71 3.39 17.97
CA LEU A 136 32.78 2.49 18.34
C LEU A 136 33.66 2.89 19.51
N PRO A 137 34.13 4.14 19.57
CA PRO A 137 35.02 4.47 20.68
C PRO A 137 34.34 4.48 22.04
N LEU A 138 33.00 4.44 22.06
CA LEU A 138 32.27 4.52 23.34
C LEU A 138 32.08 3.17 24.01
N GLU A 139 32.18 2.09 23.24
CA GLU A 139 31.82 0.79 23.77
C GLU A 139 32.81 -0.27 23.30
N LYS A 140 33.71 -0.65 24.21
CA LYS A 140 34.75 -1.65 23.97
C LYS A 140 34.22 -2.96 23.40
N SER A 141 33.01 -3.34 23.78
CA SER A 141 32.49 -4.64 23.40
C SER A 141 32.01 -4.69 21.93
N ILE A 142 31.82 -3.55 21.29
CA ILE A 142 31.43 -3.53 19.88
C ILE A 142 32.41 -4.29 18.97
N ASP A 143 31.87 -5.26 18.26
CA ASP A 143 32.64 -6.02 17.29
C ASP A 143 31.95 -5.93 15.93
N LEU A 144 32.69 -5.76 14.87
CA LEU A 144 32.06 -5.64 13.55
C LEU A 144 32.28 -6.84 12.62
N GLU A 145 32.91 -7.89 13.13
CA GLU A 145 33.23 -9.06 12.27
C GLU A 145 31.97 -9.57 11.54
N TRP A 146 30.92 -9.90 12.28
CA TRP A 146 29.71 -10.37 11.64
C TRP A 146 29.02 -9.26 10.86
N PHE A 147 29.04 -8.05 11.41
CA PHE A 147 28.47 -6.94 10.71
C PHE A 147 29.02 -6.83 9.26
N ARG A 148 30.36 -6.89 9.14
CA ARG A 148 31.01 -6.71 7.86
C ARG A 148 30.59 -7.81 6.92
N HIS A 149 30.51 -9.03 7.45
CA HIS A 149 30.11 -10.16 6.67
C HIS A 149 28.70 -9.98 6.09
N PHE A 150 27.70 -9.78 6.97
CA PHE A 150 26.33 -9.59 6.51
C PHE A 150 26.12 -8.35 5.64
N LYS A 151 26.81 -7.26 5.95
CA LYS A 151 26.68 -6.02 5.20
C LYS A 151 27.20 -6.26 3.77
N HIS A 152 28.27 -7.02 3.66
CA HIS A 152 28.88 -7.28 2.36
C HIS A 152 27.89 -8.15 1.57
N ASP A 153 27.31 -9.16 2.23
CA ASP A 153 26.50 -10.13 1.49
C ASP A 153 25.10 -9.61 1.19
N LEU A 154 24.60 -8.71 2.02
CA LEU A 154 23.18 -8.47 2.03
C LEU A 154 22.74 -7.04 1.73
N THR A 155 23.68 -6.12 1.54
CA THR A 155 23.31 -4.76 1.15
C THR A 155 23.99 -4.43 -0.15
N LEU A 156 23.48 -3.40 -0.83
CA LEU A 156 24.05 -3.00 -2.10
C LEU A 156 25.49 -2.52 -1.96
N ASN A 157 26.36 -2.96 -2.86
CA ASN A 157 27.66 -2.34 -2.95
C ASN A 157 27.50 -1.12 -3.82
N SER A 158 28.58 -0.40 -4.07
CA SER A 158 28.60 0.81 -4.86
C SER A 158 28.21 0.57 -6.32
N GLU A 159 28.69 -0.51 -6.88
CA GLU A 159 28.40 -0.75 -8.26
C GLU A 159 26.91 -1.22 -8.46
N GLU A 160 26.42 -2.06 -7.57
CA GLU A 160 24.98 -2.43 -7.54
C GLU A 160 24.11 -1.20 -7.35
N SER A 161 24.58 -0.29 -6.51
CA SER A 161 23.85 0.95 -6.25
C SER A 161 23.75 1.78 -7.53
N ALA A 162 24.87 1.94 -8.25
CA ALA A 162 24.83 2.79 -9.44
C ALA A 162 23.97 2.11 -10.51
N PHE A 163 24.03 0.78 -10.57
CA PHE A 163 23.22 0.03 -11.53
C PHE A 163 21.74 0.21 -11.20
N LEU A 164 21.37 0.07 -9.94
CA LEU A 164 19.98 0.21 -9.59
C LEU A 164 19.54 1.69 -9.68
N ALA A 165 20.45 2.64 -9.44
CA ALA A 165 20.06 4.04 -9.44
C ALA A 165 19.69 4.41 -10.89
N HIS A 166 20.47 3.90 -11.83
CA HIS A 166 20.22 4.14 -13.26
C HIS A 166 18.92 3.45 -13.72
N ASN A 167 18.65 2.28 -13.16
CA ASN A 167 17.47 1.49 -13.48
C ASN A 167 16.39 1.61 -12.42
N ASP A 168 16.22 2.77 -11.81
CA ASP A 168 15.39 2.77 -10.60
C ASP A 168 13.89 2.72 -10.86
N ARG A 169 13.54 2.76 -12.14
CA ARG A 169 12.24 2.32 -12.62
C ARG A 169 11.86 0.94 -12.03
N LEU A 170 12.84 0.04 -11.88
CA LEU A 170 12.59 -1.32 -11.37
C LEU A 170 11.94 -1.25 -9.97
N VAL A 171 12.37 -0.29 -9.16
CA VAL A 171 11.94 -0.25 -7.76
C VAL A 171 10.96 0.86 -7.40
N GLY A 172 10.73 1.78 -8.34
CA GLY A 172 9.66 2.76 -8.17
C GLY A 172 9.67 3.41 -6.80
N GLY A 173 8.58 3.27 -6.08
CA GLY A 173 8.45 3.87 -4.73
C GLY A 173 8.88 3.02 -3.55
N THR A 174 9.72 2.01 -3.80
CA THR A 174 10.23 1.10 -2.75
C THR A 174 11.04 1.86 -1.70
N ILE A 175 10.74 1.59 -0.43
CA ILE A 175 11.53 2.15 0.66
C ILE A 175 12.92 1.52 0.54
N ARG A 176 13.97 2.35 0.61
CA ARG A 176 15.30 1.91 0.13
C ARG A 176 16.23 1.43 1.23
N THR A 177 15.80 1.61 2.49
CA THR A 177 16.65 1.25 3.67
C THR A 177 17.48 -0.01 3.43
N GLN A 178 18.80 0.10 3.56
CA GLN A 178 19.66 -1.08 3.53
C GLN A 178 19.91 -1.60 4.92
N ASN A 179 20.17 -0.71 5.87
CA ASN A 179 20.54 -1.15 7.21
C ASN A 179 20.29 -0.09 8.26
N LYS A 180 20.13 -0.56 9.50
CA LYS A 180 19.79 0.28 10.64
C LYS A 180 20.64 -0.18 11.83
N LEU A 181 20.70 0.63 12.87
CA LEU A 181 21.45 0.25 14.05
C LEU A 181 20.51 0.41 15.21
N ALA A 182 20.72 -0.34 16.28
CA ALA A 182 19.93 -0.12 17.45
C ALA A 182 20.84 -0.24 18.66
N LEU A 183 20.48 0.47 19.73
CA LEU A 183 21.24 0.40 20.96
C LEU A 183 20.35 -0.06 22.07
N ASP A 184 20.85 -1.03 22.84
CA ASP A 184 20.16 -1.45 24.08
C ASP A 184 20.89 -0.75 25.22
N LEU A 185 20.17 0.02 26.00
CA LEU A 185 20.85 0.83 27.00
C LEU A 185 20.78 0.12 28.34
N LYS A 186 21.91 -0.39 28.79
CA LYS A 186 21.95 -1.06 30.10
C LYS A 186 23.27 -0.89 30.81
N ASP A 187 23.20 -0.59 32.11
CA ASP A 187 24.34 -0.76 33.00
C ASP A 187 25.42 0.25 32.72
N GLY A 188 25.03 1.46 32.30
CA GLY A 188 25.98 2.51 31.95
C GLY A 188 26.74 2.19 30.69
N ARG A 189 26.31 1.14 29.98
CA ARG A 189 26.89 0.75 28.70
C ARG A 189 25.79 0.60 27.66
N PHE A 190 26.16 0.20 26.46
CA PHE A 190 25.14 -0.13 25.49
C PHE A 190 25.61 -1.30 24.66
N ALA A 191 24.66 -2.06 24.13
CA ALA A 191 24.93 -3.14 23.20
C ALA A 191 24.40 -2.67 21.86
N LEU A 192 25.18 -2.90 20.81
CA LEU A 192 24.85 -2.44 19.49
C LEU A 192 24.28 -3.61 18.66
N LYS A 193 23.25 -3.34 17.86
CA LYS A 193 22.61 -4.34 17.02
C LYS A 193 22.50 -3.72 15.63
N THR A 194 22.46 -4.57 14.60
CA THR A 194 22.18 -4.06 13.27
C THR A 194 21.01 -4.77 12.65
N TYR A 195 20.35 -4.12 11.69
CA TYR A 195 19.30 -4.75 10.89
C TYR A 195 19.60 -4.54 9.45
N ILE A 196 19.52 -5.60 8.65
CA ILE A 196 19.91 -5.54 7.27
C ILE A 196 18.76 -6.04 6.40
N TYR A 197 18.45 -5.26 5.37
CA TYR A 197 17.29 -5.46 4.52
C TYR A 197 17.78 -5.83 3.11
N PRO A 198 17.83 -7.15 2.80
CA PRO A 198 18.40 -7.57 1.50
C PRO A 198 17.49 -7.44 0.27
N ALA A 199 16.30 -6.85 0.45
CA ALA A 199 15.33 -6.69 -0.65
C ALA A 199 15.93 -6.14 -1.93
N LEU A 200 16.69 -5.04 -1.85
CA LEU A 200 17.23 -4.47 -3.07
C LEU A 200 18.44 -5.24 -3.58
N LYS A 201 19.17 -5.81 -2.63
CA LYS A 201 20.27 -6.73 -2.99
C LYS A 201 19.64 -7.89 -3.78
N ALA A 202 18.46 -8.33 -3.38
CA ALA A 202 17.80 -9.43 -4.08
C ALA A 202 17.47 -8.98 -5.47
N VAL A 203 16.96 -7.76 -5.61
CA VAL A 203 16.57 -7.26 -6.93
C VAL A 203 17.73 -7.28 -7.90
N VAL A 204 18.84 -6.70 -7.47
CA VAL A 204 19.99 -6.57 -8.34
C VAL A 204 20.72 -7.89 -8.58
N THR A 205 20.70 -8.82 -7.63
CA THR A 205 21.43 -10.06 -7.89
C THR A 205 20.55 -11.06 -8.61
N GLY A 206 19.25 -10.82 -8.63
CA GLY A 206 18.30 -11.78 -9.21
C GLY A 206 18.17 -12.99 -8.31
N LYS A 207 18.58 -12.85 -7.05
CA LYS A 207 18.36 -13.92 -6.07
C LYS A 207 17.17 -13.57 -5.19
N THR A 208 16.64 -14.53 -4.46
CA THR A 208 15.59 -14.21 -3.53
C THR A 208 16.24 -13.81 -2.21
N ILE A 209 15.51 -13.04 -1.41
CA ILE A 209 15.99 -12.70 -0.08
C ILE A 209 16.35 -13.97 0.73
N HIS A 210 15.54 -15.02 0.60
CA HIS A 210 15.81 -16.29 1.28
C HIS A 210 17.20 -16.87 0.89
N GLU A 211 17.49 -16.95 -0.40
CA GLU A 211 18.77 -17.49 -0.82
C GLU A 211 19.89 -16.61 -0.32
N LEU A 212 19.72 -15.28 -0.45
CA LEU A 212 20.74 -14.34 0.06
C LEU A 212 21.01 -14.56 1.54
N VAL A 213 19.95 -14.57 2.34
CA VAL A 213 20.07 -14.62 3.80
C VAL A 213 20.63 -15.97 4.23
N PHE A 214 20.02 -17.04 3.75
CA PHE A 214 20.47 -18.37 4.13
C PHE A 214 21.85 -18.68 3.56
N GLY A 215 22.13 -18.20 2.34
CA GLY A 215 23.48 -18.37 1.72
C GLY A 215 24.54 -17.70 2.56
N SER A 216 24.26 -16.46 2.98
CA SER A 216 25.22 -15.71 3.79
C SER A 216 25.46 -16.32 5.18
N VAL A 217 24.39 -16.78 5.83
CA VAL A 217 24.52 -17.43 7.11
C VAL A 217 25.27 -18.78 7.00
N ARG A 218 24.95 -19.58 5.98
CA ARG A 218 25.71 -20.81 5.69
C ARG A 218 27.18 -20.54 5.47
N ARG A 219 27.50 -19.50 4.70
CA ARG A 219 28.91 -19.14 4.49
C ARG A 219 29.53 -18.80 5.84
N LEU A 220 28.80 -18.05 6.69
CA LEU A 220 29.31 -17.72 8.01
C LEU A 220 29.49 -18.98 8.91
N ALA A 221 28.62 -19.97 8.74
CA ALA A 221 28.66 -21.17 9.56
C ALA A 221 29.90 -22.01 9.26
N VAL A 222 30.58 -21.70 8.16
CA VAL A 222 31.85 -22.34 7.84
C VAL A 222 32.84 -22.02 8.95
N ARG A 223 32.82 -20.76 9.41
CA ARG A 223 33.74 -20.33 10.45
C ARG A 223 33.07 -20.46 11.82
N GLU A 224 31.74 -20.49 11.86
CA GLU A 224 31.00 -20.63 13.13
C GLU A 224 30.05 -21.83 13.04
N PRO A 225 30.57 -23.07 13.15
CA PRO A 225 29.67 -24.22 12.95
C PRO A 225 28.51 -24.29 13.93
N ARG A 226 28.59 -23.57 15.03
CA ARG A 226 27.54 -23.75 16.04
C ARG A 226 26.18 -23.11 15.65
N ILE A 227 26.18 -22.26 14.63
CA ILE A 227 24.93 -21.63 14.21
C ILE A 227 24.21 -22.52 13.20
N LEU A 228 24.89 -23.57 12.75
CA LEU A 228 24.36 -24.43 11.70
C LEU A 228 23.12 -25.24 12.08
N PRO A 229 23.12 -25.94 13.25
CA PRO A 229 21.91 -26.70 13.61
C PRO A 229 20.60 -25.87 13.72
N PRO A 230 20.63 -24.70 14.40
CA PRO A 230 19.34 -23.95 14.35
C PRO A 230 19.08 -23.38 12.97
N LEU A 231 20.12 -23.05 12.25
CA LEU A 231 19.90 -22.54 10.90
C LEU A 231 19.21 -23.61 10.03
N ASN A 232 19.69 -24.85 10.13
CA ASN A 232 19.09 -25.96 9.39
C ASN A 232 17.62 -26.17 9.77
N MET A 233 17.32 -26.17 11.07
CA MET A 233 15.95 -26.36 11.48
C MET A 233 15.05 -25.26 10.95
N LEU A 234 15.52 -24.01 11.07
CA LEU A 234 14.80 -22.86 10.54
C LEU A 234 14.49 -23.00 9.06
N GLU A 235 15.52 -23.30 8.27
CA GLU A 235 15.31 -23.43 6.82
C GLU A 235 14.37 -24.60 6.46
N GLU A 236 14.44 -25.71 7.20
CA GLU A 236 13.54 -26.83 7.03
CA GLU A 236 13.53 -26.85 7.08
C GLU A 236 12.10 -26.41 7.34
N TYR A 237 11.92 -25.68 8.44
CA TYR A 237 10.61 -25.13 8.76
C TYR A 237 10.07 -24.25 7.63
N ILE A 238 10.90 -23.32 7.15
CA ILE A 238 10.47 -22.42 6.08
C ILE A 238 10.09 -23.19 4.82
N ARG A 239 10.97 -24.10 4.39
CA ARG A 239 10.73 -24.88 3.18
C ARG A 239 9.45 -25.70 3.30
N SER A 240 9.19 -26.20 4.50
CA SER A 240 8.01 -27.01 4.77
C SER A 240 6.71 -26.24 4.54
N ARG A 241 6.78 -24.91 4.55
CA ARG A 241 5.57 -24.10 4.42
C ARG A 241 5.19 -23.91 2.96
N GLY A 242 6.11 -24.25 2.05
CA GLY A 242 5.79 -24.38 0.64
C GLY A 242 5.93 -23.08 -0.11
N SER A 243 5.66 -23.09 -1.41
CA SER A 243 5.96 -21.92 -2.22
C SER A 243 4.87 -20.84 -2.13
N LYS A 244 3.74 -21.16 -1.51
CA LYS A 244 2.67 -20.21 -1.30
C LYS A 244 2.60 -19.84 0.17
N SER A 245 3.70 -20.00 0.90
CA SER A 245 3.73 -19.61 2.31
C SER A 245 3.33 -18.13 2.41
N THR A 246 2.57 -17.80 3.44
CA THR A 246 2.23 -16.41 3.76
C THR A 246 3.39 -15.72 4.50
N ALA A 247 4.39 -16.50 4.92
CA ALA A 247 5.56 -15.93 5.59
C ALA A 247 6.75 -15.90 4.63
N SER A 248 7.54 -14.82 4.68
CA SER A 248 8.70 -14.67 3.78
C SER A 248 9.84 -13.95 4.53
N PRO A 249 11.09 -14.34 4.27
CA PRO A 249 12.21 -13.67 4.96
C PRO A 249 12.26 -12.20 4.54
N ARG A 250 12.50 -11.30 5.49
CA ARG A 250 12.50 -9.86 5.19
C ARG A 250 13.80 -9.18 5.60
N LEU A 251 14.36 -9.56 6.72
CA LEU A 251 15.58 -8.91 7.20
C LEU A 251 16.30 -9.85 8.15
N VAL A 252 17.52 -9.45 8.47
CA VAL A 252 18.35 -10.18 9.39
C VAL A 252 18.96 -9.14 10.33
N SER A 253 19.15 -9.56 11.57
CA SER A 253 19.77 -8.74 12.56
C SER A 253 20.89 -9.56 13.16
N CYS A 254 21.92 -8.88 13.63
CA CYS A 254 22.86 -9.54 14.53
C CYS A 254 23.40 -8.53 15.52
N ASP A 255 23.90 -9.03 16.65
CA ASP A 255 24.48 -8.19 17.67
C ASP A 255 25.89 -7.85 17.21
N LEU A 256 26.29 -6.62 17.44
CA LEU A 256 27.61 -6.20 17.01
C LEU A 256 28.55 -6.37 18.19
N THR A 257 28.76 -7.63 18.62
CA THR A 257 29.74 -7.97 19.66
C THR A 257 30.49 -9.21 19.18
N SER A 258 31.34 -9.74 20.04
CA SER A 258 32.11 -10.91 19.67
C SER A 258 31.17 -12.03 19.19
N PRO A 259 31.59 -12.74 18.16
CA PRO A 259 30.83 -13.82 17.55
C PRO A 259 30.36 -14.78 18.60
N ALA A 260 31.24 -15.11 19.55
CA ALA A 260 30.88 -16.07 20.57
C ALA A 260 29.64 -15.60 21.33
N LYS A 261 29.41 -14.29 21.43
CA LYS A 261 28.26 -13.80 22.21
C LYS A 261 27.10 -13.30 21.34
N SER A 262 27.28 -13.27 20.02
CA SER A 262 26.35 -12.58 19.16
C SER A 262 25.20 -13.46 18.65
N ARG A 263 23.99 -12.92 18.67
CA ARG A 263 22.83 -13.58 18.09
C ARG A 263 22.71 -13.21 16.62
N ILE A 264 22.29 -14.16 15.79
CA ILE A 264 21.80 -13.84 14.46
C ILE A 264 20.29 -14.02 14.51
N LYS A 265 19.55 -13.07 13.98
CA LYS A 265 18.10 -13.18 14.05
C LYS A 265 17.60 -13.04 12.63
N ILE A 266 16.80 -14.01 12.20
CA ILE A 266 16.23 -14.01 10.87
C ILE A 266 14.73 -13.72 11.02
N TYR A 267 14.27 -12.69 10.35
CA TYR A 267 12.91 -12.19 10.47
C TYR A 267 12.06 -12.62 9.30
N LEU A 268 10.89 -13.14 9.63
CA LEU A 268 9.90 -13.44 8.61
C LEU A 268 8.75 -12.47 8.76
N LEU A 269 8.33 -11.91 7.62
CA LEU A 269 7.07 -11.20 7.56
C LEU A 269 5.96 -12.26 7.43
N GLU A 270 4.93 -12.15 8.24
CA GLU A 270 3.86 -13.11 8.21
C GLU A 270 2.57 -12.37 7.85
N GLN A 271 2.14 -12.53 6.62
CA GLN A 271 1.00 -11.76 6.16
C GLN A 271 -0.31 -12.29 6.69
N MET A 272 -0.31 -13.52 7.20
CA MET A 272 -1.53 -14.06 7.77
C MET A 272 -1.59 -13.65 9.24
N VAL A 273 -2.47 -12.72 9.57
CA VAL A 273 -2.69 -12.36 10.98
C VAL A 273 -3.73 -13.29 11.62
N SER A 274 -3.26 -14.28 12.36
CA SER A 274 -4.18 -15.16 13.07
C SER A 274 -3.41 -15.79 14.21
N LEU A 275 -4.12 -16.21 15.25
CA LEU A 275 -3.46 -16.93 16.33
C LEU A 275 -2.72 -18.17 15.77
N GLU A 276 -3.37 -18.90 14.86
CA GLU A 276 -2.81 -20.12 14.29
C GLU A 276 -1.46 -19.80 13.63
N ALA A 277 -1.41 -18.72 12.86
CA ALA A 277 -0.14 -18.37 12.17
C ALA A 277 0.92 -18.06 13.24
N MET A 278 0.53 -17.35 14.28
CA MET A 278 1.43 -16.98 15.37
CA MET A 278 1.49 -16.99 15.30
C MET A 278 1.98 -18.23 16.09
N GLU A 279 1.08 -19.17 16.39
CA GLU A 279 1.48 -20.40 17.04
C GLU A 279 2.41 -21.21 16.17
N ASP A 280 2.14 -21.27 14.86
CA ASP A 280 2.95 -22.04 13.99
C ASP A 280 4.41 -21.53 13.99
N LEU A 281 4.57 -20.21 13.96
CA LEU A 281 5.87 -19.57 14.06
C LEU A 281 6.47 -19.90 15.43
N TRP A 282 5.66 -19.78 16.47
CA TRP A 282 6.17 -19.99 17.84
C TRP A 282 6.78 -21.39 18.04
N THR A 283 6.14 -22.39 17.44
CA THR A 283 6.52 -23.78 17.60
C THR A 283 7.30 -24.27 16.38
N LEU A 284 7.58 -23.39 15.43
CA LEU A 284 8.13 -23.79 14.10
C LEU A 284 7.39 -24.98 13.51
N GLY A 285 6.07 -24.85 13.41
CA GLY A 285 5.23 -25.90 12.85
C GLY A 285 5.28 -27.17 13.66
N GLY A 286 5.27 -27.03 14.98
CA GLY A 286 5.24 -28.17 15.88
C GLY A 286 6.59 -28.81 16.12
N ARG A 287 7.67 -28.21 15.61
CA ARG A 287 9.02 -28.69 15.91
C ARG A 287 9.41 -28.45 17.38
N ARG A 288 8.92 -27.36 17.97
CA ARG A 288 9.17 -27.07 19.39
C ARG A 288 7.96 -27.50 20.23
N ARG A 289 8.11 -28.56 21.01
CA ARG A 289 7.00 -29.12 21.80
C ARG A 289 7.37 -29.15 23.26
N ASP A 290 8.56 -28.63 23.59
CA ASP A 290 9.06 -28.67 24.97
C ASP A 290 8.24 -27.84 25.94
N ALA A 291 8.34 -28.19 27.21
CA ALA A 291 7.54 -27.54 28.23
C ALA A 291 7.74 -26.02 28.22
N SER A 292 8.97 -25.57 28.02
CA SER A 292 9.23 -24.14 28.03
C SER A 292 8.47 -23.44 26.88
N THR A 293 8.54 -24.03 25.70
CA THR A 293 7.83 -23.50 24.54
C THR A 293 6.34 -23.41 24.83
N LEU A 294 5.83 -24.45 25.49
CA LEU A 294 4.39 -24.53 25.77
C LEU A 294 3.93 -23.52 26.80
N GLU A 295 4.76 -23.24 27.82
CA GLU A 295 4.46 -22.12 28.72
C GLU A 295 4.47 -20.81 27.95
N GLY A 296 5.48 -20.64 27.09
CA GLY A 296 5.59 -19.43 26.27
C GLY A 296 4.32 -19.28 25.46
N LEU A 297 3.88 -20.40 24.88
CA LEU A 297 2.69 -20.46 24.03
C LEU A 297 1.44 -19.99 24.78
N SER A 298 1.32 -20.35 26.03
CA SER A 298 0.14 -19.92 26.78
C SER A 298 0.13 -18.39 26.91
N LEU A 299 1.32 -17.79 26.93
CA LEU A 299 1.41 -16.35 27.03
C LEU A 299 1.19 -15.66 25.69
N VAL A 300 1.62 -16.27 24.59
CA VAL A 300 1.28 -15.81 23.25
C VAL A 300 -0.23 -15.78 23.08
N ARG A 301 -0.91 -16.84 23.51
CA ARG A 301 -2.37 -16.91 23.38
C ARG A 301 -3.05 -15.85 24.20
N GLU A 302 -2.53 -15.63 25.42
CA GLU A 302 -3.05 -14.60 26.29
C GLU A 302 -2.89 -13.20 25.66
N LEU A 303 -1.69 -12.87 25.18
CA LEU A 303 -1.48 -11.64 24.44
C LEU A 303 -2.37 -11.52 23.22
N TRP A 304 -2.43 -12.57 22.39
CA TRP A 304 -3.38 -12.61 21.28
C TRP A 304 -4.80 -12.20 21.75
N ASP A 305 -5.27 -12.80 22.84
CA ASP A 305 -6.64 -12.54 23.27
C ASP A 305 -6.82 -11.14 23.82
N LEU A 306 -5.76 -10.58 24.40
CA LEU A 306 -5.90 -9.23 24.97
C LEU A 306 -5.86 -8.20 23.85
N ILE A 307 -4.89 -8.35 22.95
CA ILE A 307 -4.62 -7.34 21.96
C ILE A 307 -5.69 -7.27 20.88
N GLN A 308 -6.32 -8.41 20.60
CA GLN A 308 -7.35 -8.53 19.58
CA GLN A 308 -7.37 -8.50 19.60
C GLN A 308 -6.97 -7.89 18.23
N LEU A 309 -5.86 -8.33 17.67
CA LEU A 309 -5.49 -7.91 16.31
C LEU A 309 -6.58 -8.31 15.32
N SER A 310 -6.77 -7.51 14.26
CA SER A 310 -7.70 -7.83 13.17
C SER A 310 -7.14 -8.95 12.37
N PRO A 311 -7.81 -10.09 12.38
CA PRO A 311 -7.22 -11.26 11.76
C PRO A 311 -7.40 -11.26 10.23
N GLY A 312 -6.62 -12.09 9.55
CA GLY A 312 -6.83 -12.36 8.12
C GLY A 312 -5.56 -12.01 7.39
N LEU A 313 -5.49 -12.37 6.11
CA LEU A 313 -4.37 -12.02 5.26
C LEU A 313 -4.25 -10.50 5.12
N LYS A 314 -3.02 -9.98 5.23
CA LYS A 314 -2.79 -8.57 5.08
C LYS A 314 -1.84 -8.40 3.92
N SER A 315 -2.20 -7.50 3.03
CA SER A 315 -1.36 -7.13 1.92
C SER A 315 -0.13 -6.39 2.47
N TYR A 316 0.86 -6.13 1.62
CA TYR A 316 1.82 -5.10 1.93
C TYR A 316 1.07 -3.77 2.07
N PRO A 317 1.53 -2.90 2.97
CA PRO A 317 0.82 -1.62 3.14
C PRO A 317 1.31 -0.62 2.09
N ALA A 318 0.72 0.57 2.07
CA ALA A 318 1.28 1.66 1.27
C ALA A 318 2.74 1.82 1.69
N PRO A 319 3.63 2.19 0.77
CA PRO A 319 5.06 2.15 1.12
C PRO A 319 5.39 2.96 2.36
N TYR A 320 4.73 4.11 2.51
CA TYR A 320 4.88 4.91 3.72
C TYR A 320 3.65 5.79 3.87
N LEU A 321 3.50 6.43 5.05
CA LEU A 321 2.40 7.40 5.30
C LEU A 321 3.01 8.78 5.40
N PRO A 322 2.47 9.77 4.67
CA PRO A 322 3.02 11.12 4.92
C PRO A 322 2.83 11.46 6.38
N LEU A 323 3.67 12.34 6.89
CA LEU A 323 3.52 12.87 8.26
C LEU A 323 2.15 13.50 8.47
N GLY A 324 1.60 13.28 9.65
CA GLY A 324 0.33 13.81 9.99
C GLY A 324 -0.83 12.94 9.54
N VAL A 325 -0.58 11.95 8.69
CA VAL A 325 -1.69 11.15 8.18
C VAL A 325 -2.03 10.05 9.20
N ILE A 326 -3.28 10.04 9.63
CA ILE A 326 -3.86 8.98 10.46
C ILE A 326 -3.90 7.66 9.70
N PRO A 327 -3.31 6.59 10.25
CA PRO A 327 -3.37 5.32 9.54
C PRO A 327 -4.79 4.79 9.39
N ASP A 328 -5.02 4.09 8.29
CA ASP A 328 -6.25 3.37 8.06
C ASP A 328 -5.81 2.05 7.42
N GLU A 329 -5.18 1.21 8.23
CA GLU A 329 -4.53 0.01 7.73
C GLU A 329 -4.29 -0.95 8.87
N ARG A 330 -3.98 -2.19 8.53
CA ARG A 330 -3.47 -3.14 9.49
C ARG A 330 -2.37 -3.89 8.78
N LEU A 331 -1.33 -4.28 9.51
CA LEU A 331 -0.16 -4.82 8.89
C LEU A 331 0.08 -6.29 9.19
N PRO A 332 0.93 -6.91 8.37
CA PRO A 332 1.38 -8.28 8.61
C PRO A 332 2.05 -8.41 9.95
N LEU A 333 1.96 -9.62 10.52
CA LEU A 333 2.74 -9.94 11.68
C LEU A 333 4.18 -10.08 11.26
N MET A 334 5.02 -10.24 12.27
CA MET A 334 6.40 -10.55 12.06
C MET A 334 6.88 -11.51 13.13
N ALA A 335 7.93 -12.27 12.84
CA ALA A 335 8.59 -13.05 13.87
C ALA A 335 10.07 -13.11 13.52
N ASN A 336 10.94 -13.19 14.53
CA ASN A 336 12.33 -13.49 14.21
C ASN A 336 12.68 -14.81 14.83
N PHE A 337 13.70 -15.43 14.28
CA PHE A 337 14.22 -16.67 14.84
C PHE A 337 15.69 -16.51 15.17
N THR A 338 16.03 -16.69 16.43
CA THR A 338 17.41 -16.48 16.85
C THR A 338 18.19 -17.77 16.74
N LEU A 339 19.34 -17.69 16.09
CA LEU A 339 20.25 -18.82 16.08
C LEU A 339 21.19 -18.71 17.27
N HIS A 340 20.94 -19.48 18.33
CA HIS A 340 21.86 -19.50 19.45
C HIS A 340 22.97 -20.54 19.15
N GLN A 341 24.18 -20.24 19.56
CA GLN A 341 25.29 -21.17 19.35
C GLN A 341 25.31 -22.30 20.38
N ASN A 342 24.56 -22.13 21.47
CA ASN A 342 24.49 -23.19 22.46
C ASN A 342 23.18 -23.96 22.49
N ASP A 343 22.36 -23.73 21.48
CA ASP A 343 21.06 -24.36 21.41
C ASP A 343 20.80 -24.71 19.95
N PRO A 344 20.45 -25.98 19.68
CA PRO A 344 20.21 -26.44 18.31
C PRO A 344 18.88 -25.97 17.72
N VAL A 345 17.98 -25.46 18.55
CA VAL A 345 16.64 -25.12 18.12
C VAL A 345 16.58 -23.60 18.03
N PRO A 346 16.21 -23.06 16.86
CA PRO A 346 16.06 -21.60 16.76
C PRO A 346 15.00 -21.06 17.75
N GLU A 347 15.29 -19.92 18.37
CA GLU A 347 14.37 -19.34 19.31
C GLU A 347 13.53 -18.24 18.68
N PRO A 348 12.20 -18.41 18.75
CA PRO A 348 11.34 -17.39 18.18
C PRO A 348 11.07 -16.21 19.09
N GLN A 349 10.83 -15.08 18.44
CA GLN A 349 10.27 -13.91 19.08
C GLN A 349 9.22 -13.46 18.09
N VAL A 350 8.01 -13.22 18.58
CA VAL A 350 6.90 -12.91 17.68
C VAL A 350 6.56 -11.45 17.89
N TYR A 351 6.01 -10.82 16.85
CA TYR A 351 5.56 -9.42 16.89
C TYR A 351 4.07 -9.29 16.63
N PHE A 352 3.36 -8.73 17.61
CA PHE A 352 1.99 -8.33 17.41
C PHE A 352 2.01 -6.94 16.78
N THR A 353 1.62 -6.88 15.52
CA THR A 353 1.70 -5.63 14.83
C THR A 353 0.42 -4.84 15.01
N THR A 354 0.49 -3.91 15.95
CA THR A 354 -0.65 -3.13 16.42
C THR A 354 -0.82 -1.83 15.62
N PHE A 355 0.18 -1.45 14.83
CA PHE A 355 0.11 -0.18 14.14
C PHE A 355 -1.24 0.04 13.46
N GLY A 356 -1.89 1.18 13.76
CA GLY A 356 -3.16 1.54 13.15
C GLY A 356 -4.30 1.26 14.11
N MET A 357 -4.02 0.49 15.16
CA MET A 357 -5.05 0.16 16.14
C MET A 357 -5.16 1.23 17.18
N ASN A 358 -6.31 1.29 17.84
CA ASN A 358 -6.53 2.25 18.90
C ASN A 358 -5.49 2.09 20.02
N ASP A 359 -4.79 3.18 20.30
CA ASP A 359 -3.67 3.14 21.22
C ASP A 359 -4.10 2.93 22.66
N MET A 360 -5.17 3.59 23.07
CA MET A 360 -5.66 3.36 24.42
C MET A 360 -6.15 1.92 24.64
N ALA A 361 -6.80 1.34 23.63
CA ALA A 361 -7.17 -0.09 23.72
C ALA A 361 -5.93 -0.95 23.87
N VAL A 362 -4.92 -0.68 23.07
CA VAL A 362 -3.72 -1.49 23.10
C VAL A 362 -3.03 -1.31 24.46
N ALA A 363 -2.98 -0.07 24.98
CA ALA A 363 -2.32 0.21 26.27
C ALA A 363 -3.08 -0.46 27.40
N ASP A 364 -4.39 -0.55 27.24
CA ASP A 364 -5.21 -1.31 28.18
C ASP A 364 -4.87 -2.81 28.14
N ALA A 365 -4.80 -3.38 26.93
CA ALA A 365 -4.41 -4.78 26.81
C ALA A 365 -3.02 -5.02 27.45
N LEU A 366 -2.07 -4.13 27.15
CA LEU A 366 -0.74 -4.20 27.74
C LEU A 366 -0.80 -4.17 29.27
N THR A 367 -1.53 -3.20 29.84
CA THR A 367 -1.48 -2.98 31.28
C THR A 367 -2.11 -4.17 32.00
N THR A 368 -3.09 -4.78 31.34
CA THR A 368 -3.72 -5.99 31.86
C THR A 368 -2.69 -7.11 31.85
N PHE A 369 -1.98 -7.25 30.73
CA PHE A 369 -0.92 -8.25 30.68
C PHE A 369 0.15 -8.01 31.73
N PHE A 370 0.56 -6.76 31.90
CA PHE A 370 1.52 -6.39 32.95
C PHE A 370 1.07 -6.81 34.36
N GLU A 371 -0.19 -6.52 34.69
CA GLU A 371 -0.74 -6.82 36.01
C GLU A 371 -0.64 -8.32 36.23
N ARG A 372 -1.05 -9.06 35.22
CA ARG A 372 -1.06 -10.49 35.29
C ARG A 372 0.34 -11.05 35.44
N ARG A 373 1.35 -10.33 34.93
CA ARG A 373 2.70 -10.80 35.11
C ARG A 373 3.29 -10.39 36.46
N GLY A 374 2.59 -9.55 37.22
CA GLY A 374 3.17 -8.97 38.43
C GLY A 374 4.16 -7.83 38.16
N TRP A 375 4.10 -7.25 36.96
CA TRP A 375 4.86 -6.05 36.68
C TRP A 375 4.07 -4.84 37.14
N SER A 376 4.02 -4.71 38.47
CA SER A 376 3.16 -3.78 39.20
C SER A 376 3.35 -2.33 38.76
N GLU A 377 4.60 -1.93 38.67
CA GLU A 377 4.99 -0.58 38.34
C GLU A 377 4.68 -0.27 36.86
N MET A 378 5.09 -1.16 35.95
CA MET A 378 4.71 -1.08 34.53
C MET A 378 3.21 -0.84 34.41
N ALA A 379 2.43 -1.71 35.03
CA ALA A 379 0.98 -1.63 34.99
C ALA A 379 0.48 -0.29 35.50
N ARG A 380 1.12 0.24 36.55
CA ARG A 380 0.68 1.47 37.20
C ARG A 380 1.02 2.67 36.35
N THR A 381 2.18 2.65 35.73
CA THR A 381 2.68 3.89 35.11
C THR A 381 2.51 3.95 33.56
N TYR A 382 2.23 2.80 32.94
CA TYR A 382 2.34 2.70 31.51
C TYR A 382 1.49 3.71 30.73
N GLU A 383 0.19 3.71 30.98
CA GLU A 383 -0.72 4.59 30.27
C GLU A 383 -0.46 6.08 30.51
N THR A 384 -0.24 6.45 31.77
CA THR A 384 0.08 7.84 32.15
C THR A 384 1.33 8.32 31.46
N THR A 385 2.33 7.44 31.43
CA THR A 385 3.60 7.79 30.84
C THR A 385 3.43 7.91 29.30
N LEU A 386 2.70 6.98 28.72
CA LEU A 386 2.46 7.00 27.28
C LEU A 386 1.80 8.30 26.87
N LYS A 387 0.73 8.65 27.57
CA LYS A 387 0.04 9.92 27.33
C LYS A 387 0.97 11.12 27.47
N SER A 388 1.83 11.11 28.47
CA SER A 388 2.77 12.24 28.66
C SER A 388 3.71 12.43 27.48
N TYR A 389 3.96 11.37 26.70
CA TYR A 389 4.84 11.52 25.54
C TYR A 389 4.17 12.41 24.50
N TYR A 390 2.84 12.37 24.47
CA TYR A 390 2.10 13.17 23.48
C TYR A 390 0.98 13.87 24.24
N PRO A 391 1.36 14.77 25.14
CA PRO A 391 0.43 15.23 26.16
C PRO A 391 -0.67 16.13 25.59
N HIS A 392 -0.46 16.61 24.36
CA HIS A 392 -1.44 17.46 23.70
C HIS A 392 -2.37 16.72 22.76
N ALA A 393 -2.22 15.39 22.65
CA ALA A 393 -3.03 14.65 21.69
C ALA A 393 -4.40 14.29 22.25
N ASP A 394 -5.34 13.99 21.36
CA ASP A 394 -6.62 13.47 21.78
C ASP A 394 -6.36 11.97 21.98
N HIS A 395 -6.03 11.60 23.20
CA HIS A 395 -5.48 10.28 23.50
C HIS A 395 -6.41 9.13 23.10
N ASP A 396 -7.69 9.33 23.28
CA ASP A 396 -8.64 8.28 22.93
C ASP A 396 -8.79 8.04 21.45
N LYS A 397 -8.33 8.96 20.60
CA LYS A 397 -8.43 8.74 19.15
C LYS A 397 -7.11 8.34 18.50
N LEU A 398 -5.99 8.41 19.24
CA LEU A 398 -4.69 7.98 18.71
C LEU A 398 -4.74 6.54 18.27
N ASN A 399 -4.19 6.29 17.09
CA ASN A 399 -4.08 4.95 16.55
C ASN A 399 -2.79 4.75 15.77
N TYR A 400 -1.70 5.26 16.30
CA TYR A 400 -0.43 5.19 15.61
C TYR A 400 0.77 5.16 16.56
N LEU A 401 0.54 5.08 17.87
CA LEU A 401 1.69 5.10 18.78
C LEU A 401 2.35 3.74 18.85
N HIS A 402 1.54 2.69 18.98
CA HIS A 402 2.09 1.36 19.20
C HIS A 402 2.30 0.75 17.84
N ALA A 403 3.56 0.65 17.43
CA ALA A 403 3.85 0.01 16.16
C ALA A 403 3.83 -1.52 16.29
N TYR A 404 4.47 -2.05 17.34
CA TYR A 404 4.63 -3.50 17.50
C TYR A 404 4.74 -3.79 18.96
N ILE A 405 4.32 -4.98 19.35
CA ILE A 405 4.62 -5.54 20.65
C ILE A 405 5.37 -6.86 20.37
N SER A 406 6.53 -7.04 20.99
CA SER A 406 7.29 -8.26 20.78
C SER A 406 7.02 -9.21 21.92
N PHE A 407 7.19 -10.49 21.63
CA PHE A 407 7.12 -11.46 22.70
C PHE A 407 8.06 -12.60 22.44
N SER A 408 8.81 -12.95 23.48
CA SER A 408 9.60 -14.17 23.49
C SER A 408 9.60 -14.63 24.92
N TYR A 409 10.20 -15.79 25.13
CA TYR A 409 10.11 -16.47 26.43
C TYR A 409 11.46 -17.11 26.67
N ARG A 410 12.26 -16.41 27.45
CA ARG A 410 13.69 -16.67 27.49
C ARG A 410 13.96 -17.02 28.92
N ASP A 411 14.58 -18.17 29.15
CA ASP A 411 14.87 -18.66 30.50
C ASP A 411 13.64 -18.61 31.34
N ARG A 412 12.54 -19.12 30.77
CA ARG A 412 11.23 -19.22 31.46
C ARG A 412 10.72 -17.87 31.89
N THR A 413 11.14 -16.84 31.16
CA THR A 413 10.85 -15.48 31.56
C THR A 413 10.17 -14.75 30.40
N PRO A 414 8.95 -14.22 30.64
CA PRO A 414 8.19 -13.48 29.65
C PRO A 414 9.01 -12.24 29.25
N TYR A 415 9.14 -12.01 27.96
CA TYR A 415 9.94 -10.91 27.55
C TYR A 415 9.08 -10.12 26.55
N LEU A 416 8.84 -8.86 26.88
CA LEU A 416 7.90 -8.11 26.04
C LEU A 416 8.47 -6.71 25.84
N SER A 417 8.52 -6.25 24.59
CA SER A 417 8.84 -4.85 24.31
C SER A 417 7.75 -4.20 23.49
N VAL A 418 7.58 -2.89 23.64
CA VAL A 418 6.67 -2.10 22.79
C VAL A 418 7.51 -1.14 21.99
N TYR A 419 7.17 -0.99 20.71
CA TYR A 419 7.93 -0.18 19.79
C TYR A 419 6.99 0.97 19.53
N LEU A 420 7.45 2.16 19.86
CA LEU A 420 6.56 3.30 19.97
C LEU A 420 6.93 4.41 19.02
N GLN A 421 5.91 5.01 18.42
CA GLN A 421 6.10 6.23 17.67
C GLN A 421 6.91 7.21 18.54
N SER A 422 7.96 7.78 17.96
CA SER A 422 8.91 8.59 18.73
C SER A 422 9.20 9.85 17.95
N PHE A 423 8.27 10.78 17.90
CA PHE A 423 8.46 11.91 16.98
C PHE A 423 7.50 13.00 17.41
N GLU A 424 8.02 14.22 17.55
CA GLU A 424 7.18 15.37 17.90
C GLU A 424 6.41 15.16 19.21
N THR A 425 7.22 14.89 20.24
CA THR A 425 6.75 14.52 21.56
C THR A 425 6.74 15.71 22.51
N GLY A 426 6.15 15.56 23.70
CA GLY A 426 6.14 16.64 24.68
C GLY A 426 5.45 17.86 24.11
N ASP A 427 6.03 19.03 24.31
CA ASP A 427 5.41 20.27 23.92
C ASP A 427 5.56 20.61 22.46
N TRP A 428 6.00 19.67 21.65
CA TRP A 428 6.17 19.96 20.24
C TRP A 428 4.91 20.56 19.64
N ALA A 429 3.79 19.84 19.82
CA ALA A 429 2.54 20.11 19.12
C ALA A 429 2.00 21.53 19.33
N VAL A 430 2.33 22.14 20.47
CA VAL A 430 1.93 23.52 20.75
C VAL A 430 3.10 24.50 20.63
N ALA A 431 4.30 24.01 20.33
CA ALA A 431 5.49 24.85 20.25
C ALA A 431 5.97 25.01 18.79
N GLY A 458 -11.90 5.44 6.84
CA GLY A 458 -12.94 4.78 6.00
C GLY A 458 -13.01 3.27 6.21
N VAL A 459 -11.97 2.55 5.76
CA VAL A 459 -12.01 1.09 5.69
C VAL A 459 -11.63 0.30 6.97
N TYR A 460 -11.45 1.01 8.10
CA TYR A 460 -11.22 0.35 9.40
C TYR A 460 -11.82 1.15 10.55
N ALA B 9 6.20 23.71 -22.66
CA ALA B 9 5.76 24.73 -21.65
C ALA B 9 4.25 24.63 -21.46
N ALA B 10 3.62 23.67 -22.16
CA ALA B 10 2.15 23.57 -22.16
C ALA B 10 1.61 23.24 -20.76
N ASN B 11 0.46 23.80 -20.44
CA ASN B 11 -0.09 23.70 -19.09
C ASN B 11 -1.61 23.57 -19.21
N ALA B 12 -2.18 22.44 -18.78
CA ALA B 12 -3.62 22.23 -18.92
C ALA B 12 -4.45 23.40 -18.34
N SER B 13 -3.96 24.08 -17.32
CA SER B 13 -4.73 25.21 -16.78
C SER B 13 -4.91 26.37 -17.73
N SER B 14 -4.15 26.39 -18.82
CA SER B 14 -4.35 27.43 -19.81
C SER B 14 -5.52 27.09 -20.76
N ALA B 15 -6.01 25.85 -20.74
CA ALA B 15 -7.17 25.45 -21.54
C ALA B 15 -8.30 26.50 -21.41
N GLU B 16 -8.68 27.07 -22.54
CA GLU B 16 -9.66 28.16 -22.54
C GLU B 16 -11.02 27.81 -21.90
N ALA B 17 -11.63 26.68 -22.27
CA ALA B 17 -12.90 26.27 -21.64
C ALA B 17 -12.76 26.16 -20.12
N TYR B 18 -11.62 25.65 -19.65
CA TYR B 18 -11.45 25.62 -18.18
C TYR B 18 -11.39 27.05 -17.57
N ARG B 19 -10.62 27.96 -18.20
CA ARG B 19 -10.45 29.33 -17.69
CA ARG B 19 -10.47 29.30 -17.62
C ARG B 19 -11.79 30.08 -17.69
N VAL B 20 -12.50 29.96 -18.81
CA VAL B 20 -13.76 30.65 -19.01
C VAL B 20 -14.86 30.08 -18.08
N LEU B 21 -15.01 28.76 -18.01
CA LEU B 21 -16.01 28.18 -17.10
C LEU B 21 -15.71 28.52 -15.63
N SER B 22 -14.42 28.61 -15.29
CA SER B 22 -13.99 29.01 -13.97
C SER B 22 -14.44 30.44 -13.66
N ARG B 23 -14.53 31.30 -14.68
CA ARG B 23 -15.07 32.66 -14.48
C ARG B 23 -16.58 32.65 -14.31
N ALA B 24 -17.24 31.64 -14.85
CA ALA B 24 -18.71 31.60 -14.88
C ALA B 24 -19.39 30.92 -13.70
N PHE B 25 -18.74 29.89 -13.13
CA PHE B 25 -19.46 28.91 -12.29
C PHE B 25 -19.71 29.34 -10.88
N ARG B 26 -20.91 29.02 -10.40
CA ARG B 26 -21.22 29.20 -9.01
C ARG B 26 -20.86 27.89 -8.33
N PHE B 27 -20.19 27.97 -7.19
CA PHE B 27 -19.98 26.77 -6.37
C PHE B 27 -20.56 27.04 -5.02
N ASP B 28 -21.33 26.08 -4.52
CA ASP B 28 -22.01 26.27 -3.24
C ASP B 28 -21.19 25.80 -2.06
N ASN B 29 -20.18 24.98 -2.33
CA ASN B 29 -19.21 24.67 -1.29
C ASN B 29 -17.78 24.58 -1.80
N GLU B 30 -16.85 24.55 -0.86
CA GLU B 30 -15.41 24.44 -1.18
C GLU B 30 -15.09 23.15 -1.93
N ASP B 31 -15.76 22.07 -1.54
CA ASP B 31 -15.43 20.74 -2.09
C ASP B 31 -15.65 20.69 -3.59
N GLN B 32 -16.80 21.19 -4.03
CA GLN B 32 -17.12 21.21 -5.48
C GLN B 32 -16.18 22.14 -6.23
N LYS B 33 -15.89 23.29 -5.64
CA LYS B 33 -14.91 24.22 -6.24
C LYS B 33 -13.50 23.61 -6.40
N LEU B 34 -13.01 22.97 -5.33
CA LEU B 34 -11.73 22.25 -5.38
C LEU B 34 -11.73 21.13 -6.43
N TRP B 35 -12.78 20.35 -6.46
CA TRP B 35 -12.95 19.27 -7.42
C TRP B 35 -12.86 19.81 -8.84
N TRP B 36 -13.55 20.94 -9.06
CA TRP B 36 -13.54 21.52 -10.38
C TRP B 36 -12.09 21.93 -10.75
N HIS B 37 -11.44 22.72 -9.90
CA HIS B 37 -10.10 23.16 -10.22
C HIS B 37 -9.08 22.03 -10.25
N SER B 38 -9.31 20.99 -9.46
CA SER B 38 -8.40 19.86 -9.41
C SER B 38 -8.38 19.09 -10.72
N THR B 39 -9.58 18.89 -11.28
CA THR B 39 -9.79 17.98 -12.42
C THR B 39 -10.03 18.63 -13.76
N ALA B 40 -10.68 19.80 -13.75
CA ALA B 40 -11.08 20.43 -14.99
C ALA B 40 -9.92 20.86 -15.94
N PRO B 41 -8.79 21.32 -15.40
CA PRO B 41 -7.77 21.69 -16.37
C PRO B 41 -7.38 20.53 -17.27
N MET B 42 -7.19 19.34 -16.71
CA MET B 42 -6.85 18.15 -17.52
C MET B 42 -8.02 17.71 -18.42
N PHE B 43 -9.23 17.73 -17.85
CA PHE B 43 -10.44 17.35 -18.58
C PHE B 43 -10.61 18.29 -19.81
N ALA B 44 -10.51 19.60 -19.60
CA ALA B 44 -10.64 20.54 -20.71
C ALA B 44 -9.49 20.37 -21.72
N LYS B 45 -8.27 20.22 -21.21
CA LYS B 45 -7.12 20.06 -22.11
C LYS B 45 -7.26 18.76 -22.91
N MET B 46 -7.78 17.72 -22.26
CA MET B 46 -7.99 16.45 -22.97
C MET B 46 -9.04 16.59 -24.07
N LEU B 47 -10.13 17.30 -23.79
CA LEU B 47 -11.16 17.55 -24.80
C LEU B 47 -10.60 18.38 -25.96
N GLU B 48 -9.84 19.40 -25.60
CA GLU B 48 -9.18 20.24 -26.59
C GLU B 48 -8.33 19.41 -27.53
N THR B 49 -7.49 18.54 -26.98
CA THR B 49 -6.51 17.86 -27.81
C THR B 49 -7.14 16.69 -28.55
N ALA B 50 -8.28 16.18 -28.04
CA ALA B 50 -9.04 15.15 -28.75
C ALA B 50 -9.91 15.73 -29.84
N ASN B 51 -9.74 17.02 -30.09
CA ASN B 51 -10.47 17.78 -31.11
C ASN B 51 -11.99 17.85 -30.96
N TYR B 52 -12.46 17.88 -29.73
CA TYR B 52 -13.86 18.15 -29.50
C TYR B 52 -14.17 19.57 -29.95
N THR B 53 -15.35 19.79 -30.52
CA THR B 53 -15.71 21.18 -30.85
C THR B 53 -15.84 22.02 -29.58
N THR B 54 -15.60 23.32 -29.72
CA THR B 54 -15.81 24.29 -28.65
C THR B 54 -17.16 24.10 -27.95
N PRO B 55 -18.29 24.01 -28.69
CA PRO B 55 -19.55 23.81 -27.97
C PRO B 55 -19.60 22.52 -27.13
N CYS B 56 -18.99 21.43 -27.60
CA CYS B 56 -18.98 20.15 -26.87
C CYS B 56 -18.10 20.27 -25.62
N GLN B 57 -16.94 20.89 -25.76
CA GLN B 57 -16.08 21.16 -24.64
C GLN B 57 -16.88 21.82 -23.53
N TYR B 58 -17.61 22.89 -23.82
CA TYR B 58 -18.39 23.57 -22.78
C TYR B 58 -19.49 22.70 -22.25
N GLN B 59 -20.22 22.09 -23.17
CA GLN B 59 -21.33 21.23 -22.81
C GLN B 59 -20.89 20.14 -21.85
N TYR B 60 -19.80 19.42 -22.17
CA TYR B 60 -19.40 18.29 -21.33
C TYR B 60 -18.89 18.75 -19.99
N LEU B 61 -18.10 19.85 -20.00
CA LEU B 61 -17.57 20.38 -18.74
C LEU B 61 -18.69 20.89 -17.81
N ILE B 62 -19.74 21.45 -18.41
CA ILE B 62 -20.84 21.98 -17.59
C ILE B 62 -21.67 20.85 -16.97
N THR B 63 -22.02 19.86 -17.77
CA THR B 63 -22.79 18.74 -17.25
C THR B 63 -21.95 18.08 -16.16
N TYR B 64 -20.64 17.97 -16.41
CA TYR B 64 -19.72 17.40 -15.43
C TYR B 64 -19.77 18.20 -14.13
N LYS B 65 -19.59 19.51 -14.24
CA LYS B 65 -19.63 20.38 -13.07
C LYS B 65 -20.99 20.33 -12.34
N GLU B 66 -22.07 20.39 -13.10
CA GLU B 66 -23.39 20.49 -12.47
C GLU B 66 -23.95 19.16 -12.03
N CYS B 67 -23.64 18.09 -12.75
CA CYS B 67 -24.35 16.87 -12.51
C CYS B 67 -23.46 15.89 -11.84
N VAL B 68 -22.15 16.04 -12.02
CA VAL B 68 -21.23 15.01 -11.53
C VAL B 68 -20.42 15.45 -10.30
N ILE B 69 -19.73 16.58 -10.39
CA ILE B 69 -18.98 17.11 -9.22
C ILE B 69 -19.73 17.02 -7.86
N PRO B 70 -21.02 17.43 -7.78
CA PRO B 70 -21.76 17.36 -6.51
C PRO B 70 -21.92 15.90 -6.03
N SER B 71 -21.56 14.96 -6.89
CA SER B 71 -21.64 13.54 -6.60
C SER B 71 -20.26 12.91 -6.34
N LEU B 72 -19.22 13.74 -6.29
CA LEU B 72 -17.87 13.25 -6.02
C LEU B 72 -17.45 13.28 -4.55
N GLY B 73 -18.37 13.63 -3.66
CA GLY B 73 -18.07 13.70 -2.21
C GLY B 73 -17.11 14.84 -1.88
N CYS B 74 -16.62 14.87 -0.65
CA CYS B 74 -15.73 15.93 -0.21
C CYS B 74 -14.46 15.91 -1.05
N TYR B 75 -13.75 17.02 -1.12
CA TYR B 75 -12.54 17.01 -1.88
C TYR B 75 -11.55 16.07 -1.17
N PRO B 76 -10.97 15.08 -1.89
CA PRO B 76 -10.09 14.10 -1.22
C PRO B 76 -8.83 14.74 -0.70
N THR B 77 -8.62 14.57 0.59
CA THR B 77 -7.36 14.92 1.22
C THR B 77 -7.02 13.80 2.18
N ASN B 78 -5.79 13.81 2.71
CA ASN B 78 -5.41 12.78 3.68
C ASN B 78 -5.89 13.08 5.09
N SER B 79 -6.35 14.30 5.32
CA SER B 79 -6.65 14.71 6.68
C SER B 79 -8.14 14.82 7.01
N ALA B 80 -9.02 14.32 6.13
CA ALA B 80 -10.44 14.22 6.46
C ALA B 80 -11.08 12.99 5.87
N PRO B 81 -12.08 12.44 6.57
CA PRO B 81 -12.83 11.26 6.14
C PRO B 81 -13.38 11.49 4.75
N ARG B 82 -13.23 10.47 3.91
CA ARG B 82 -13.74 10.54 2.54
C ARG B 82 -14.12 9.13 2.18
N TRP B 83 -14.94 9.00 1.14
CA TRP B 83 -15.26 7.70 0.61
C TRP B 83 -14.10 7.19 -0.21
N LEU B 84 -13.70 5.94 0.00
CA LEU B 84 -12.59 5.43 -0.77
C LEU B 84 -13.14 4.58 -1.88
N SER B 85 -12.95 5.06 -3.08
CA SER B 85 -13.45 4.37 -4.24
C SER B 85 -12.42 3.36 -4.79
N ILE B 86 -12.91 2.20 -5.23
CA ILE B 86 -12.11 1.23 -5.98
C ILE B 86 -11.62 1.80 -7.29
N LEU B 87 -12.14 2.96 -7.71
CA LEU B 87 -11.85 3.43 -9.06
C LEU B 87 -10.37 3.70 -9.28
N THR B 88 -9.71 4.23 -8.26
CA THR B 88 -8.28 4.51 -8.37
C THR B 88 -7.55 3.96 -7.15
N ARG B 89 -6.24 3.80 -7.35
CA ARG B 89 -5.38 3.30 -6.30
C ARG B 89 -5.32 4.25 -5.09
N TYR B 90 -5.72 5.52 -5.28
CA TYR B 90 -5.77 6.49 -4.21
C TYR B 90 -7.17 6.62 -3.62
N GLY B 91 -8.11 5.81 -4.11
CA GLY B 91 -9.47 5.87 -3.57
C GLY B 91 -10.27 7.09 -4.04
N THR B 92 -9.75 7.85 -5.01
CA THR B 92 -10.49 9.04 -5.53
C THR B 92 -11.55 8.58 -6.52
N PRO B 93 -12.74 9.23 -6.51
CA PRO B 93 -13.86 8.66 -7.27
C PRO B 93 -14.02 9.27 -8.68
N PHE B 94 -12.92 9.72 -9.30
CA PHE B 94 -13.00 10.28 -10.65
C PHE B 94 -11.79 9.85 -11.44
N GLU B 95 -12.03 9.47 -12.69
CA GLU B 95 -10.95 9.15 -13.58
C GLU B 95 -11.36 9.38 -15.01
N LEU B 96 -10.49 10.06 -15.77
CA LEU B 96 -10.68 10.25 -17.19
C LEU B 96 -9.97 9.10 -17.94
N SER B 97 -10.57 8.62 -19.02
CA SER B 97 -9.80 7.80 -19.95
C SER B 97 -9.88 8.39 -21.37
N LEU B 98 -8.86 8.15 -22.17
CA LEU B 98 -8.92 8.63 -23.55
C LEU B 98 -8.89 7.38 -24.39
N ASN B 99 -9.93 7.23 -25.21
CA ASN B 99 -9.93 6.17 -26.19
C ASN B 99 -9.07 6.70 -27.35
N CYS B 100 -7.82 6.26 -27.41
CA CYS B 100 -6.88 6.86 -28.34
C CYS B 100 -7.19 6.51 -29.76
N SER B 101 -7.76 5.34 -30.00
CA SER B 101 -8.09 4.93 -31.35
C SER B 101 -9.19 5.79 -32.01
N ASN B 102 -10.11 6.32 -31.20
CA ASN B 102 -11.22 7.13 -31.72
C ASN B 102 -11.23 8.61 -31.30
N SER B 103 -10.25 9.05 -30.51
CA SER B 103 -10.27 10.37 -29.83
C SER B 103 -11.53 10.66 -29.05
N ILE B 104 -12.02 9.66 -28.34
CA ILE B 104 -13.22 9.82 -27.53
C ILE B 104 -12.73 9.92 -26.08
N VAL B 105 -13.13 10.99 -25.41
CA VAL B 105 -12.86 11.17 -24.00
C VAL B 105 -14.02 10.55 -23.22
N ARG B 106 -13.69 9.84 -22.15
CA ARG B 106 -14.69 9.23 -21.31
C ARG B 106 -14.29 9.57 -19.88
N TYR B 107 -15.24 9.49 -18.96
CA TYR B 107 -14.82 9.49 -17.58
C TYR B 107 -15.67 8.63 -16.75
N THR B 108 -15.08 8.14 -15.66
CA THR B 108 -15.77 7.30 -14.71
C THR B 108 -15.76 7.98 -13.37
N PHE B 109 -16.85 7.84 -12.63
CA PHE B 109 -16.87 8.34 -11.28
C PHE B 109 -17.69 7.40 -10.45
N GLU B 110 -17.47 7.45 -9.15
CA GLU B 110 -18.30 6.72 -8.24
C GLU B 110 -19.28 7.68 -7.57
N PRO B 111 -20.58 7.52 -7.83
CA PRO B 111 -21.49 8.43 -7.16
C PRO B 111 -21.36 8.37 -5.62
N ILE B 112 -21.29 9.54 -5.00
CA ILE B 112 -21.20 9.67 -3.58
C ILE B 112 -22.19 10.73 -3.19
N ASN B 113 -22.95 10.50 -2.12
CA ASN B 113 -23.76 11.59 -1.61
C ASN B 113 -23.65 11.76 -0.10
N GLN B 114 -24.50 12.61 0.48
CA GLN B 114 -24.46 12.89 1.91
C GLN B 114 -24.60 11.62 2.78
N HIS B 115 -25.29 10.61 2.28
CA HIS B 115 -25.55 9.44 3.12
C HIS B 115 -24.46 8.37 2.96
N THR B 116 -23.64 8.54 1.95
CA THR B 116 -22.56 7.61 1.63
C THR B 116 -21.69 7.45 2.83
N GLY B 117 -21.53 6.21 3.29
CA GLY B 117 -20.57 5.94 4.34
C GLY B 117 -21.18 6.16 5.69
N THR B 118 -22.46 6.56 5.73
CA THR B 118 -23.17 6.73 7.00
C THR B 118 -24.00 5.48 7.23
N ASP B 119 -24.63 5.37 8.39
CA ASP B 119 -25.47 4.22 8.63
C ASP B 119 -26.70 4.17 7.70
N LYS B 120 -27.00 5.25 7.01
CA LYS B 120 -28.07 5.20 5.98
C LYS B 120 -27.60 4.51 4.68
N ASP B 121 -26.30 4.43 4.48
CA ASP B 121 -25.74 3.81 3.27
C ASP B 121 -24.27 3.53 3.52
N PRO B 122 -23.97 2.57 4.42
CA PRO B 122 -22.55 2.35 4.78
C PRO B 122 -21.69 1.79 3.66
N PHE B 123 -22.27 1.14 2.65
CA PHE B 123 -21.46 0.65 1.54
C PHE B 123 -21.73 1.37 0.25
N ASN B 124 -22.37 2.54 0.36
CA ASN B 124 -22.56 3.40 -0.80
C ASN B 124 -23.27 2.69 -1.96
N THR B 125 -24.36 2.05 -1.62
CA THR B 125 -25.12 1.34 -2.59
C THR B 125 -26.28 2.18 -3.09
N HIS B 126 -26.63 3.25 -2.36
CA HIS B 126 -27.78 4.11 -2.77
C HIS B 126 -27.50 5.36 -3.61
N ALA B 127 -26.30 5.94 -3.49
CA ALA B 127 -25.99 7.25 -4.07
C ALA B 127 -26.17 7.30 -5.59
N ILE B 128 -25.91 6.17 -6.24
CA ILE B 128 -25.97 6.09 -7.67
C ILE B 128 -27.35 6.53 -8.19
N TRP B 129 -28.42 6.21 -7.46
CA TRP B 129 -29.78 6.55 -7.95
C TRP B 129 -29.94 8.06 -8.11
N GLU B 130 -29.37 8.81 -7.18
CA GLU B 130 -29.39 10.27 -7.25
C GLU B 130 -28.58 10.83 -8.43
N SER B 131 -27.40 10.30 -8.70
CA SER B 131 -26.64 10.73 -9.88
C SER B 131 -27.39 10.45 -11.19
N LEU B 132 -28.05 9.28 -11.27
CA LEU B 132 -28.83 8.91 -12.43
C LEU B 132 -29.97 9.90 -12.68
N GLN B 133 -30.61 10.28 -11.58
CA GLN B 133 -31.66 11.28 -11.57
C GLN B 133 -31.19 12.62 -12.16
N HIS B 134 -29.95 13.00 -11.88
CA HIS B 134 -29.39 14.19 -12.49
C HIS B 134 -29.04 14.03 -13.95
N LEU B 135 -28.68 12.83 -14.37
CA LEU B 135 -28.21 12.64 -15.73
C LEU B 135 -29.32 12.30 -16.73
N LEU B 136 -30.31 11.54 -16.27
CA LEU B 136 -31.42 11.07 -17.09
C LEU B 136 -32.02 12.15 -17.97
N PRO B 137 -32.38 13.33 -17.42
CA PRO B 137 -33.03 14.35 -18.24
C PRO B 137 -32.14 14.84 -19.37
N LEU B 138 -30.83 14.61 -19.29
CA LEU B 138 -29.93 15.13 -20.33
C LEU B 138 -29.71 14.21 -21.51
N GLU B 139 -30.18 12.97 -21.40
CA GLU B 139 -29.80 11.94 -22.37
C GLU B 139 -30.92 10.92 -22.49
N LYS B 140 -31.72 11.07 -23.55
CA LYS B 140 -32.99 10.38 -23.74
C LYS B 140 -32.74 8.92 -23.89
N SER B 141 -31.60 8.59 -24.49
CA SER B 141 -31.16 7.24 -24.78
C SER B 141 -30.71 6.45 -23.54
N ILE B 142 -30.66 7.07 -22.37
CA ILE B 142 -30.38 6.31 -21.16
C ILE B 142 -31.54 5.34 -20.90
N ASP B 143 -31.20 4.08 -20.63
CA ASP B 143 -32.19 3.11 -20.22
C ASP B 143 -31.66 2.38 -18.99
N LEU B 144 -32.52 2.18 -18.02
CA LEU B 144 -32.13 1.55 -16.76
C LEU B 144 -32.56 0.09 -16.62
N GLU B 145 -33.12 -0.52 -17.67
CA GLU B 145 -33.72 -1.84 -17.50
C GLU B 145 -32.67 -2.85 -17.05
N TRP B 146 -31.56 -2.89 -17.76
CA TRP B 146 -30.54 -3.86 -17.41
C TRP B 146 -29.81 -3.42 -16.15
N PHE B 147 -29.62 -2.12 -16.01
CA PHE B 147 -29.03 -1.57 -14.80
C PHE B 147 -29.79 -2.01 -13.53
N ARG B 148 -31.12 -1.90 -13.55
CA ARG B 148 -31.89 -2.26 -12.37
C ARG B 148 -31.69 -3.74 -12.08
N HIS B 149 -31.70 -4.53 -13.14
CA HIS B 149 -31.49 -5.96 -13.03
C HIS B 149 -30.16 -6.30 -12.36
N PHE B 150 -29.07 -5.78 -12.92
CA PHE B 150 -27.75 -6.08 -12.37
C PHE B 150 -27.54 -5.53 -10.98
N LYS B 151 -28.09 -4.34 -10.71
CA LYS B 151 -27.83 -3.72 -9.44
C LYS B 151 -28.59 -4.48 -8.42
N HIS B 152 -29.80 -4.90 -8.78
CA HIS B 152 -30.57 -5.70 -7.90
C HIS B 152 -29.74 -6.93 -7.53
N ASP B 153 -29.20 -7.64 -8.52
CA ASP B 153 -28.57 -8.94 -8.25
C ASP B 153 -27.19 -8.83 -7.60
N LEU B 154 -26.46 -7.77 -7.93
CA LEU B 154 -25.02 -7.73 -7.71
C LEU B 154 -24.51 -6.69 -6.72
N THR B 155 -25.38 -5.85 -6.15
CA THR B 155 -24.95 -4.91 -5.12
C THR B 155 -25.77 -5.13 -3.87
N LEU B 156 -25.24 -4.67 -2.73
CA LEU B 156 -25.91 -4.86 -1.46
C LEU B 156 -27.21 -4.08 -1.47
N ASN B 157 -28.23 -4.65 -0.86
CA ASN B 157 -29.44 -3.92 -0.62
C ASN B 157 -29.33 -3.32 0.80
N SER B 158 -30.39 -2.66 1.27
CA SER B 158 -30.34 -2.02 2.56
C SER B 158 -30.15 -2.99 3.68
N GLU B 159 -30.78 -4.16 3.55
CA GLU B 159 -30.72 -5.17 4.60
C GLU B 159 -29.33 -5.75 4.70
N GLU B 160 -28.76 -6.11 3.57
CA GLU B 160 -27.42 -6.68 3.57
C GLU B 160 -26.37 -5.66 4.07
N SER B 161 -26.58 -4.39 3.74
CA SER B 161 -25.71 -3.31 4.21
C SER B 161 -25.71 -3.19 5.73
N ALA B 162 -26.88 -3.23 6.36
CA ALA B 162 -26.96 -3.10 7.81
C ALA B 162 -26.27 -4.33 8.41
N PHE B 163 -26.53 -5.51 7.84
CA PHE B 163 -25.90 -6.73 8.35
C PHE B 163 -24.38 -6.56 8.29
N LEU B 164 -23.86 -6.23 7.10
CA LEU B 164 -22.41 -6.06 6.94
C LEU B 164 -21.82 -4.98 7.82
N ALA B 165 -22.51 -3.84 7.94
CA ALA B 165 -22.08 -2.74 8.81
C ALA B 165 -21.95 -3.21 10.26
N HIS B 166 -22.89 -4.05 10.70
CA HIS B 166 -22.88 -4.57 12.06
C HIS B 166 -21.86 -5.68 12.24
N ASN B 167 -21.41 -6.24 11.13
CA ASN B 167 -20.47 -7.33 11.13
C ASN B 167 -19.20 -7.05 10.32
N ASP B 168 -18.64 -5.85 10.45
CA ASP B 168 -17.65 -5.40 9.45
C ASP B 168 -16.30 -6.09 9.57
N ARG B 169 -16.17 -6.98 10.54
CA ARG B 169 -15.08 -7.94 10.55
C ARG B 169 -15.06 -8.66 9.20
N LEU B 170 -16.25 -8.97 8.70
CA LEU B 170 -16.44 -9.56 7.37
C LEU B 170 -15.95 -8.68 6.21
N VAL B 171 -15.89 -7.37 6.42
CA VAL B 171 -15.44 -6.44 5.40
C VAL B 171 -13.94 -6.21 5.57
N GLY B 172 -13.53 -5.80 6.77
CA GLY B 172 -12.11 -5.58 7.05
C GLY B 172 -11.66 -4.36 6.27
N GLY B 173 -10.52 -4.49 5.58
CA GLY B 173 -9.92 -3.38 4.82
C GLY B 173 -10.47 -3.20 3.40
N THR B 174 -11.41 -4.05 3.02
CA THR B 174 -12.01 -4.04 1.67
C THR B 174 -12.63 -2.70 1.29
N ILE B 175 -12.21 -2.21 0.13
CA ILE B 175 -12.90 -1.10 -0.53
C ILE B 175 -14.37 -1.48 -0.81
N ARG B 176 -15.27 -0.57 -0.47
CA ARG B 176 -16.65 -0.96 -0.40
C ARG B 176 -17.48 -0.69 -1.67
N THR B 177 -16.84 -0.10 -2.69
CA THR B 177 -17.52 0.35 -3.90
C THR B 177 -18.47 -0.70 -4.43
N GLN B 178 -19.73 -0.31 -4.58
CA GLN B 178 -20.77 -1.15 -5.20
C GLN B 178 -20.91 -0.93 -6.72
N ASN B 179 -20.87 0.33 -7.14
CA ASN B 179 -21.19 0.66 -8.50
C ASN B 179 -20.69 2.02 -8.88
N LYS B 180 -20.33 2.14 -10.14
CA LYS B 180 -19.79 3.37 -10.70
C LYS B 180 -20.51 3.65 -11.99
N LEU B 181 -20.35 4.86 -12.51
CA LEU B 181 -20.89 5.23 -13.82
C LEU B 181 -19.78 5.79 -14.66
N ALA B 182 -19.92 5.64 -15.99
CA ALA B 182 -18.99 6.27 -16.91
C ALA B 182 -19.77 6.92 -18.05
N LEU B 183 -19.23 8.01 -18.57
CA LEU B 183 -19.84 8.66 -19.70
C LEU B 183 -18.82 8.63 -20.80
N ASP B 184 -19.27 8.12 -21.95
CA ASP B 184 -18.53 8.23 -23.21
C ASP B 184 -19.09 9.45 -23.87
N LEU B 185 -18.21 10.40 -24.18
CA LEU B 185 -18.64 11.68 -24.71
C LEU B 185 -18.43 11.69 -26.23
N LYS B 186 -19.51 11.55 -26.98
CA LYS B 186 -19.43 11.54 -28.42
C LYS B 186 -20.55 12.39 -28.99
N ASP B 187 -20.15 13.33 -29.84
CA ASP B 187 -21.05 14.03 -30.75
C ASP B 187 -22.18 14.79 -30.08
N GLY B 188 -21.86 15.49 -29.00
CA GLY B 188 -22.84 16.32 -28.30
C GLY B 188 -23.78 15.50 -27.44
N ARG B 189 -23.48 14.22 -27.33
CA ARG B 189 -24.27 13.39 -26.43
CA ARG B 189 -24.26 13.28 -26.53
C ARG B 189 -23.31 12.58 -25.58
N PHE B 190 -23.86 11.77 -24.71
CA PHE B 190 -23.03 10.87 -23.95
C PHE B 190 -23.72 9.54 -23.83
N ALA B 191 -22.94 8.48 -23.78
CA ALA B 191 -23.47 7.17 -23.52
C ALA B 191 -23.07 6.83 -22.10
N LEU B 192 -24.00 6.27 -21.34
CA LEU B 192 -23.78 5.93 -19.95
C LEU B 192 -23.50 4.44 -19.80
N LYS B 193 -22.55 4.11 -18.94
CA LYS B 193 -22.17 2.74 -18.60
C LYS B 193 -22.15 2.66 -17.09
N THR B 194 -22.33 1.44 -16.53
CA THR B 194 -22.19 1.20 -15.11
C THR B 194 -21.15 0.10 -14.95
N TYR B 195 -20.51 0.07 -13.78
CA TYR B 195 -19.61 -0.99 -13.35
C TYR B 195 -20.15 -1.40 -12.01
N ILE B 196 -20.31 -2.71 -11.83
CA ILE B 196 -20.95 -3.21 -10.63
C ILE B 196 -19.99 -4.21 -10.03
N TYR B 197 -19.67 -3.99 -8.75
CA TYR B 197 -18.71 -4.77 -7.95
C TYR B 197 -19.43 -5.66 -6.95
N PRO B 198 -19.58 -6.98 -7.30
CA PRO B 198 -20.36 -7.89 -6.45
C PRO B 198 -19.58 -8.48 -5.28
N ALA B 199 -18.36 -8.02 -5.01
CA ALA B 199 -17.56 -8.65 -3.91
C ALA B 199 -18.30 -8.74 -2.56
N LEU B 200 -18.93 -7.66 -2.16
CA LEU B 200 -19.60 -7.68 -0.85
C LEU B 200 -20.94 -8.39 -0.91
N LYS B 201 -21.59 -8.30 -2.07
CA LYS B 201 -22.77 -9.12 -2.33
C LYS B 201 -22.45 -10.59 -2.01
N ALA B 202 -21.28 -11.00 -2.50
CA ALA B 202 -20.80 -12.35 -2.38
C ALA B 202 -20.59 -12.70 -0.91
N VAL B 203 -19.98 -11.79 -0.15
CA VAL B 203 -19.83 -12.02 1.29
C VAL B 203 -21.20 -12.28 1.96
N VAL B 204 -22.17 -11.41 1.74
CA VAL B 204 -23.46 -11.55 2.43
C VAL B 204 -24.29 -12.72 1.91
N THR B 205 -24.25 -12.99 0.62
CA THR B 205 -25.09 -14.05 0.10
C THR B 205 -24.42 -15.43 0.19
N GLY B 206 -23.10 -15.49 0.37
CA GLY B 206 -22.41 -16.78 0.43
C GLY B 206 -22.09 -17.27 -0.97
N LYS B 207 -22.53 -16.53 -1.98
CA LYS B 207 -22.19 -16.86 -3.38
C LYS B 207 -20.77 -16.42 -3.73
N THR B 208 -20.17 -17.08 -4.69
CA THR B 208 -18.96 -16.56 -5.24
C THR B 208 -19.33 -15.42 -6.20
N ILE B 209 -18.35 -14.60 -6.56
CA ILE B 209 -18.63 -13.53 -7.50
C ILE B 209 -19.05 -14.16 -8.84
N HIS B 210 -18.36 -15.23 -9.24
CA HIS B 210 -18.76 -16.03 -10.37
C HIS B 210 -20.26 -16.44 -10.36
N GLU B 211 -20.71 -17.11 -9.30
CA GLU B 211 -22.11 -17.49 -9.20
C GLU B 211 -22.99 -16.28 -9.36
N LEU B 212 -22.63 -15.18 -8.71
CA LEU B 212 -23.47 -13.99 -8.75
C LEU B 212 -23.57 -13.48 -10.16
N VAL B 213 -22.44 -13.35 -10.82
CA VAL B 213 -22.39 -12.67 -12.10
C VAL B 213 -23.06 -13.54 -13.17
N PHE B 214 -22.60 -14.79 -13.26
CA PHE B 214 -23.19 -15.73 -14.22
C PHE B 214 -24.64 -16.06 -13.94
N GLY B 215 -24.98 -16.21 -12.67
CA GLY B 215 -26.37 -16.39 -12.28
C GLY B 215 -27.19 -15.23 -12.78
N SER B 216 -26.72 -14.00 -12.50
CA SER B 216 -27.44 -12.79 -12.92
C SER B 216 -27.56 -12.66 -14.44
N VAL B 217 -26.51 -12.98 -15.16
CA VAL B 217 -26.64 -12.89 -16.62
C VAL B 217 -27.60 -13.97 -17.13
N ARG B 218 -27.55 -15.17 -16.53
CA ARG B 218 -28.48 -16.25 -16.90
C ARG B 218 -29.94 -15.90 -16.64
N ARG B 219 -30.23 -15.24 -15.51
CA ARG B 219 -31.59 -14.81 -15.27
CA ARG B 219 -31.56 -14.71 -15.19
C ARG B 219 -32.00 -13.75 -16.28
N LEU B 220 -31.08 -12.87 -16.65
CA LEU B 220 -31.37 -11.88 -17.68
C LEU B 220 -31.62 -12.55 -19.04
N ALA B 221 -30.88 -13.63 -19.31
CA ALA B 221 -30.86 -14.29 -20.63
C ALA B 221 -32.20 -14.98 -20.93
N VAL B 222 -32.96 -15.26 -19.86
CA VAL B 222 -34.37 -15.63 -19.96
C VAL B 222 -35.13 -14.61 -20.85
N ARG B 223 -34.97 -13.31 -20.59
CA ARG B 223 -35.64 -12.26 -21.37
C ARG B 223 -34.82 -11.95 -22.61
N GLU B 224 -33.50 -12.16 -22.53
CA GLU B 224 -32.60 -11.83 -23.63
CA GLU B 224 -32.65 -11.88 -23.69
C GLU B 224 -31.80 -13.06 -24.08
N PRO B 225 -32.42 -13.98 -24.86
CA PRO B 225 -31.76 -15.27 -25.15
C PRO B 225 -30.48 -15.13 -25.95
N ARG B 226 -30.31 -14.02 -26.66
CA ARG B 226 -29.17 -13.90 -27.55
C ARG B 226 -27.84 -13.74 -26.82
N ILE B 227 -27.87 -13.35 -25.54
CA ILE B 227 -26.62 -13.25 -24.76
C ILE B 227 -26.12 -14.62 -24.24
N LEU B 228 -26.94 -15.64 -24.39
CA LEU B 228 -26.67 -16.92 -23.76
C LEU B 228 -25.45 -17.69 -24.35
N PRO B 229 -25.41 -17.82 -25.68
CA PRO B 229 -24.25 -18.53 -26.24
C PRO B 229 -22.87 -17.95 -25.82
N PRO B 230 -22.65 -16.61 -25.93
CA PRO B 230 -21.32 -16.14 -25.55
C PRO B 230 -21.11 -16.29 -24.05
N LEU B 231 -22.17 -16.20 -23.26
CA LEU B 231 -22.09 -16.45 -21.83
C LEU B 231 -21.70 -17.90 -21.53
N ASN B 232 -22.28 -18.85 -22.28
CA ASN B 232 -21.96 -20.27 -22.09
C ASN B 232 -20.53 -20.56 -22.45
N MET B 233 -20.07 -19.99 -23.56
CA MET B 233 -18.68 -20.13 -23.94
C MET B 233 -17.70 -19.51 -22.93
N LEU B 234 -17.99 -18.30 -22.47
CA LEU B 234 -17.15 -17.67 -21.47
C LEU B 234 -17.05 -18.56 -20.23
N GLU B 235 -18.20 -19.04 -19.76
CA GLU B 235 -18.23 -19.82 -18.54
C GLU B 235 -17.53 -21.15 -18.69
N GLU B 236 -17.64 -21.77 -19.88
CA GLU B 236 -16.97 -23.04 -20.15
C GLU B 236 -15.46 -22.77 -20.13
N TYR B 237 -15.04 -21.69 -20.78
CA TYR B 237 -13.65 -21.26 -20.69
C TYR B 237 -13.18 -21.06 -19.22
N ILE B 238 -13.95 -20.31 -18.44
CA ILE B 238 -13.57 -20.08 -17.06
C ILE B 238 -13.51 -21.40 -16.29
N ARG B 239 -14.55 -22.23 -16.40
CA ARG B 239 -14.57 -23.51 -15.68
C ARG B 239 -13.36 -24.35 -16.02
N SER B 240 -12.99 -24.35 -17.31
CA SER B 240 -11.81 -25.05 -17.82
C SER B 240 -10.48 -24.63 -17.15
N ARG B 241 -10.50 -23.55 -16.36
CA ARG B 241 -9.27 -23.07 -15.73
C ARG B 241 -9.14 -23.66 -14.32
N GLY B 242 -10.20 -24.34 -13.87
CA GLY B 242 -10.19 -25.11 -12.61
C GLY B 242 -10.27 -24.21 -11.40
N SER B 243 -10.30 -24.83 -10.22
CA SER B 243 -10.50 -24.10 -8.97
C SER B 243 -9.29 -23.29 -8.49
N LYS B 244 -8.13 -23.50 -9.10
CA LYS B 244 -6.93 -22.75 -8.72
C LYS B 244 -6.50 -21.74 -9.79
N SER B 245 -7.43 -21.37 -10.68
CA SER B 245 -7.20 -20.35 -11.70
C SER B 245 -6.69 -19.06 -11.08
N THR B 246 -5.72 -18.45 -11.73
CA THR B 246 -5.21 -17.16 -11.30
C THR B 246 -6.12 -16.01 -11.79
N ALA B 247 -7.12 -16.37 -12.57
CA ALA B 247 -8.12 -15.42 -13.04
C ALA B 247 -9.44 -15.70 -12.34
N SER B 248 -10.12 -14.64 -11.89
CA SER B 248 -11.44 -14.80 -11.26
C SER B 248 -12.31 -13.57 -11.58
N PRO B 249 -13.64 -13.76 -11.63
CA PRO B 249 -14.55 -12.65 -11.94
C PRO B 249 -14.48 -11.54 -10.90
N ARG B 250 -14.39 -10.29 -11.34
CA ARG B 250 -14.28 -9.16 -10.40
C ARG B 250 -15.48 -8.22 -10.42
N LEU B 251 -15.94 -7.90 -11.62
CA LEU B 251 -17.00 -6.93 -11.83
C LEU B 251 -17.69 -7.17 -13.15
N VAL B 252 -18.77 -6.41 -13.37
CA VAL B 252 -19.54 -6.50 -14.60
C VAL B 252 -19.86 -5.08 -14.95
N SER B 253 -19.89 -4.82 -16.24
CA SER B 253 -20.35 -3.54 -16.72
C SER B 253 -21.47 -3.78 -17.76
N CYS B 254 -22.39 -2.84 -17.87
CA CYS B 254 -23.22 -2.80 -19.07
C CYS B 254 -23.48 -1.37 -19.47
N ASP B 255 -23.88 -1.16 -20.72
CA ASP B 255 -24.31 0.13 -21.20
C ASP B 255 -25.70 0.37 -20.65
N LEU B 256 -25.98 1.61 -20.27
CA LEU B 256 -27.33 1.99 -19.82
C LEU B 256 -28.05 2.53 -21.04
N THR B 257 -28.38 1.63 -21.95
CA THR B 257 -29.09 1.98 -23.16
C THR B 257 -30.04 0.81 -23.46
N SER B 258 -30.85 0.94 -24.51
CA SER B 258 -31.82 -0.10 -24.77
C SER B 258 -31.11 -1.45 -24.88
N PRO B 259 -31.72 -2.49 -24.31
CA PRO B 259 -31.20 -3.84 -24.30
C PRO B 259 -30.66 -4.29 -25.66
N ALA B 260 -31.36 -3.96 -26.75
CA ALA B 260 -30.92 -4.41 -28.08
C ALA B 260 -29.57 -3.79 -28.46
N LYS B 261 -29.24 -2.63 -27.89
CA LYS B 261 -27.98 -1.94 -28.20
C LYS B 261 -26.91 -2.20 -27.13
N SER B 262 -27.29 -2.81 -26.02
CA SER B 262 -26.44 -2.86 -24.83
C SER B 262 -25.52 -4.09 -24.76
N ARG B 263 -24.24 -3.84 -24.46
CA ARG B 263 -23.20 -4.85 -24.21
C ARG B 263 -23.18 -5.19 -22.72
N ILE B 264 -22.95 -6.45 -22.41
CA ILE B 264 -22.65 -6.82 -21.05
C ILE B 264 -21.18 -7.22 -21.10
N LYS B 265 -20.38 -6.66 -20.19
CA LYS B 265 -18.96 -6.95 -20.13
C LYS B 265 -18.65 -7.57 -18.78
N ILE B 266 -18.10 -8.77 -18.81
CA ILE B 266 -17.72 -9.46 -17.58
C ILE B 266 -16.20 -9.38 -17.45
N TYR B 267 -15.75 -8.95 -16.28
CA TYR B 267 -14.32 -8.67 -16.06
C TYR B 267 -13.68 -9.77 -15.23
N LEU B 268 -12.53 -10.27 -15.68
CA LEU B 268 -11.74 -11.16 -14.85
C LEU B 268 -10.52 -10.41 -14.37
N LEU B 269 -10.16 -10.59 -13.11
CA LEU B 269 -8.89 -10.11 -12.62
C LEU B 269 -7.92 -11.25 -12.85
N GLU B 270 -6.77 -10.96 -13.44
CA GLU B 270 -5.80 -12.00 -13.78
C GLU B 270 -4.52 -11.73 -13.02
N GLN B 271 -4.31 -12.47 -11.95
CA GLN B 271 -3.12 -12.26 -11.12
C GLN B 271 -1.82 -12.65 -11.81
N MET B 272 -1.89 -13.50 -12.83
CA MET B 272 -0.63 -13.89 -13.48
C MET B 272 -0.32 -12.86 -14.56
N VAL B 273 0.68 -12.03 -14.30
CA VAL B 273 1.04 -11.04 -15.30
C VAL B 273 2.05 -11.70 -16.23
N SER B 274 1.55 -12.21 -17.35
CA SER B 274 2.43 -12.72 -18.40
C SER B 274 1.75 -12.64 -19.78
N LEU B 275 2.58 -12.70 -20.82
CA LEU B 275 2.10 -12.69 -22.19
C LEU B 275 1.20 -13.91 -22.43
N GLU B 276 1.65 -15.07 -21.91
CA GLU B 276 0.92 -16.32 -22.00
CA GLU B 276 0.92 -16.34 -21.97
C GLU B 276 -0.47 -16.17 -21.37
N ALA B 277 -0.51 -15.61 -20.16
CA ALA B 277 -1.75 -15.33 -19.47
C ALA B 277 -2.61 -14.38 -20.31
N MET B 278 -2.00 -13.35 -20.87
CA MET B 278 -2.79 -12.41 -21.64
C MET B 278 -3.34 -13.02 -22.92
N GLU B 279 -2.53 -13.85 -23.59
CA GLU B 279 -2.97 -14.58 -24.81
C GLU B 279 -4.09 -15.55 -24.57
N ASP B 280 -4.01 -16.27 -23.46
CA ASP B 280 -5.04 -17.21 -23.07
C ASP B 280 -6.36 -16.49 -22.86
N LEU B 281 -6.35 -15.29 -22.31
CA LEU B 281 -7.57 -14.52 -22.11
C LEU B 281 -8.08 -14.10 -23.49
N TRP B 282 -7.16 -13.64 -24.32
CA TRP B 282 -7.45 -13.13 -25.66
C TRP B 282 -8.18 -14.18 -26.52
N THR B 283 -7.71 -15.42 -26.46
CA THR B 283 -8.23 -16.50 -27.31
C THR B 283 -9.19 -17.41 -26.56
N LEU B 284 -9.58 -17.02 -25.36
CA LEU B 284 -10.37 -17.87 -24.46
C LEU B 284 -9.82 -19.29 -24.44
N GLY B 285 -8.54 -19.43 -24.09
CA GLY B 285 -7.89 -20.73 -23.94
C GLY B 285 -7.89 -21.49 -25.26
N GLY B 286 -7.62 -20.79 -26.37
CA GLY B 286 -7.48 -21.43 -27.67
C GLY B 286 -8.78 -21.67 -28.43
N ARG B 287 -9.91 -21.28 -27.83
CA ARG B 287 -11.22 -21.38 -28.50
C ARG B 287 -11.43 -20.39 -29.63
N ARG B 288 -10.75 -19.24 -29.59
CA ARG B 288 -10.79 -18.25 -30.68
C ARG B 288 -9.53 -18.38 -31.52
N ARG B 289 -9.70 -18.72 -32.79
CA ARG B 289 -8.56 -18.88 -33.68
C ARG B 289 -8.87 -18.44 -35.10
N ASP B 290 -9.95 -17.69 -35.27
CA ASP B 290 -10.25 -17.02 -36.52
C ASP B 290 -9.16 -15.99 -36.83
N ALA B 291 -9.09 -15.54 -38.08
CA ALA B 291 -8.04 -14.64 -38.54
C ALA B 291 -8.06 -13.31 -37.79
N SER B 292 -9.27 -12.85 -37.46
CA SER B 292 -9.42 -11.57 -36.82
C SER B 292 -8.87 -11.62 -35.40
N THR B 293 -9.23 -12.67 -34.64
CA THR B 293 -8.57 -12.95 -33.35
C THR B 293 -7.06 -12.92 -33.45
N LEU B 294 -6.51 -13.64 -34.42
CA LEU B 294 -5.07 -13.71 -34.61
C LEU B 294 -4.44 -12.37 -34.98
N GLU B 295 -5.10 -11.58 -35.82
CA GLU B 295 -4.62 -10.22 -36.13
C GLU B 295 -4.52 -9.39 -34.85
N GLY B 296 -5.50 -9.55 -33.98
CA GLY B 296 -5.54 -8.82 -32.71
C GLY B 296 -4.45 -9.31 -31.79
N LEU B 297 -4.25 -10.63 -31.77
CA LEU B 297 -3.22 -11.23 -30.95
C LEU B 297 -1.84 -10.63 -31.27
N SER B 298 -1.56 -10.40 -32.55
CA SER B 298 -0.32 -9.74 -33.01
C SER B 298 -0.09 -8.42 -32.34
N LEU B 299 -1.15 -7.61 -32.31
CA LEU B 299 -1.14 -6.29 -31.66
C LEU B 299 -0.95 -6.37 -30.15
N VAL B 300 -1.66 -7.31 -29.53
CA VAL B 300 -1.47 -7.68 -28.13
C VAL B 300 0.00 -7.97 -27.84
N ARG B 301 0.60 -8.85 -28.64
CA ARG B 301 2.02 -9.15 -28.46
C ARG B 301 2.90 -7.93 -28.63
N GLU B 302 2.60 -7.12 -29.64
CA GLU B 302 3.37 -5.91 -29.87
C GLU B 302 3.26 -4.96 -28.67
N LEU B 303 2.03 -4.74 -28.17
CA LEU B 303 1.83 -3.95 -26.96
C LEU B 303 2.58 -4.55 -25.79
N TRP B 304 2.42 -5.84 -25.57
CA TRP B 304 3.21 -6.53 -24.57
C TRP B 304 4.70 -6.21 -24.70
N ASP B 305 5.24 -6.29 -25.92
CA ASP B 305 6.67 -6.11 -26.11
C ASP B 305 7.08 -4.69 -25.82
N LEU B 306 6.22 -3.75 -26.19
CA LEU B 306 6.51 -2.33 -25.98
C LEU B 306 6.35 -1.91 -24.53
N ILE B 307 5.27 -2.36 -23.89
CA ILE B 307 4.96 -1.88 -22.56
C ILE B 307 5.91 -2.48 -21.51
N GLN B 308 6.26 -3.74 -21.69
CA GLN B 308 7.18 -4.44 -20.79
C GLN B 308 6.75 -4.45 -19.33
N LEU B 309 5.55 -4.99 -19.12
CA LEU B 309 5.05 -5.17 -17.78
C LEU B 309 5.95 -6.11 -17.03
N SER B 310 6.17 -5.80 -15.75
CA SER B 310 6.87 -6.66 -14.82
C SER B 310 6.14 -8.00 -14.70
N PRO B 311 6.74 -9.09 -15.20
CA PRO B 311 5.97 -10.34 -15.22
C PRO B 311 5.86 -11.07 -13.85
N GLY B 312 4.92 -11.99 -13.76
CA GLY B 312 4.84 -12.86 -12.60
C GLY B 312 3.54 -12.68 -11.87
N LEU B 313 3.31 -13.53 -10.88
CA LEU B 313 2.10 -13.48 -10.06
C LEU B 313 2.09 -12.19 -9.22
N LYS B 314 1.02 -11.42 -9.32
CA LYS B 314 0.90 -10.19 -8.55
C LYS B 314 -0.15 -10.40 -7.44
N SER B 315 0.20 -10.01 -6.23
CA SER B 315 -0.71 -10.07 -5.10
C SER B 315 -1.68 -8.94 -5.18
N TYR B 316 -2.78 -9.08 -4.45
CA TYR B 316 -3.65 -7.95 -4.16
C TYR B 316 -2.82 -6.90 -3.40
N PRO B 317 -2.88 -5.63 -3.85
CA PRO B 317 -2.11 -4.55 -3.25
C PRO B 317 -2.78 -4.05 -1.97
N ALA B 318 -2.16 -3.06 -1.33
CA ALA B 318 -2.79 -2.37 -0.23
C ALA B 318 -4.15 -1.87 -0.75
N PRO B 319 -5.19 -1.89 0.10
CA PRO B 319 -6.55 -1.57 -0.33
C PRO B 319 -6.55 -0.23 -1.06
N TYR B 320 -5.79 0.74 -0.52
CA TYR B 320 -5.56 2.00 -1.21
C TYR B 320 -4.31 2.66 -0.69
N LEU B 321 -3.87 3.69 -1.40
CA LEU B 321 -2.68 4.44 -1.06
C LEU B 321 -3.09 5.85 -0.64
N PRO B 322 -2.45 6.43 0.41
CA PRO B 322 -2.67 7.84 0.78
C PRO B 322 -2.28 8.72 -0.40
N LEU B 323 -2.97 9.85 -0.55
CA LEU B 323 -2.63 10.78 -1.59
C LEU B 323 -1.22 11.25 -1.34
N GLY B 324 -0.50 11.46 -2.42
CA GLY B 324 0.85 11.93 -2.37
C GLY B 324 1.84 10.80 -2.24
N VAL B 325 1.39 9.58 -2.00
CA VAL B 325 2.36 8.48 -1.82
C VAL B 325 2.63 7.80 -3.13
N ILE B 326 3.88 7.79 -3.55
CA ILE B 326 4.13 7.14 -4.83
C ILE B 326 4.15 5.63 -4.61
N PRO B 327 3.59 4.90 -5.56
CA PRO B 327 3.37 3.49 -5.36
C PRO B 327 4.66 2.69 -5.43
N ASP B 328 4.70 1.55 -4.75
CA ASP B 328 5.71 0.53 -5.03
C ASP B 328 4.98 -0.78 -5.10
N GLU B 329 4.43 -1.04 -6.26
CA GLU B 329 3.57 -2.19 -6.45
C GLU B 329 3.45 -2.34 -7.96
N ARG B 330 3.04 -3.53 -8.36
CA ARG B 330 2.66 -3.82 -9.73
C ARG B 330 1.44 -4.66 -9.53
N LEU B 331 0.48 -4.54 -10.44
CA LEU B 331 -0.83 -5.06 -10.21
C LEU B 331 -1.20 -6.17 -11.21
N PRO B 332 -2.18 -7.02 -10.84
CA PRO B 332 -2.79 -7.97 -11.77
C PRO B 332 -3.25 -7.32 -13.04
N LEU B 333 -3.29 -8.14 -14.09
CA LEU B 333 -3.96 -7.79 -15.31
C LEU B 333 -5.47 -7.88 -15.10
N MET B 334 -6.19 -7.35 -16.07
CA MET B 334 -7.61 -7.45 -16.13
C MET B 334 -7.97 -7.78 -17.59
N ALA B 335 -9.12 -8.39 -17.79
CA ALA B 335 -9.69 -8.52 -19.11
C ALA B 335 -11.19 -8.51 -18.90
N ASN B 336 -11.92 -7.97 -19.87
CA ASN B 336 -13.36 -8.17 -19.89
C ASN B 336 -13.73 -8.93 -21.15
N PHE B 337 -14.90 -9.55 -21.10
CA PHE B 337 -15.43 -10.29 -22.21
C PHE B 337 -16.82 -9.75 -22.44
N THR B 338 -17.07 -9.31 -23.66
CA THR B 338 -18.34 -8.67 -24.02
C THR B 338 -19.28 -9.73 -24.61
N LEU B 339 -20.52 -9.75 -24.16
CA LEU B 339 -21.50 -10.67 -24.70
C LEU B 339 -22.27 -9.87 -25.73
N HIS B 340 -21.97 -10.08 -26.99
CA HIS B 340 -22.69 -9.39 -28.06
C HIS B 340 -23.90 -10.28 -28.40
N GLN B 341 -25.02 -9.65 -28.73
CA GLN B 341 -26.24 -10.39 -29.02
C GLN B 341 -26.24 -10.93 -30.46
N ASN B 342 -25.31 -10.45 -31.28
CA ASN B 342 -25.22 -10.89 -32.67
C ASN B 342 -24.00 -11.74 -32.94
N ASP B 343 -23.36 -12.24 -31.90
CA ASP B 343 -22.11 -12.98 -32.07
C ASP B 343 -22.06 -13.99 -30.94
N PRO B 344 -21.91 -15.29 -31.27
CA PRO B 344 -21.91 -16.30 -30.19
C PRO B 344 -20.61 -16.42 -29.41
N VAL B 345 -19.55 -15.74 -29.87
CA VAL B 345 -18.26 -15.75 -29.18
C VAL B 345 -18.10 -14.45 -28.35
N PRO B 346 -17.82 -14.58 -27.04
CA PRO B 346 -17.59 -13.36 -26.25
C PRO B 346 -16.37 -12.59 -26.76
N GLU B 347 -16.43 -11.27 -26.77
CA GLU B 347 -15.30 -10.52 -27.32
C GLU B 347 -14.43 -9.96 -26.21
N PRO B 348 -13.14 -10.35 -26.18
CA PRO B 348 -12.32 -9.84 -25.08
C PRO B 348 -11.78 -8.42 -25.33
N GLN B 349 -11.51 -7.75 -24.21
CA GLN B 349 -10.73 -6.55 -24.15
C GLN B 349 -9.79 -6.77 -22.95
N VAL B 350 -8.49 -6.57 -23.20
CA VAL B 350 -7.48 -6.87 -22.19
C VAL B 350 -6.91 -5.59 -21.63
N TYR B 351 -6.42 -5.65 -20.38
CA TYR B 351 -5.89 -4.46 -19.75
C TYR B 351 -4.46 -4.68 -19.31
N PHE B 352 -3.57 -3.85 -19.86
CA PHE B 352 -2.20 -3.84 -19.43
C PHE B 352 -2.16 -2.88 -18.24
N THR B 353 -1.93 -3.45 -17.07
CA THR B 353 -2.00 -2.67 -15.84
C THR B 353 -0.64 -2.07 -15.53
N THR B 354 -0.47 -0.82 -15.90
CA THR B 354 0.81 -0.12 -15.92
C THR B 354 1.04 0.68 -14.62
N PHE B 355 0.00 0.79 -13.80
CA PHE B 355 0.10 1.55 -12.53
C PHE B 355 1.35 1.18 -11.75
N GLY B 356 2.13 2.18 -11.40
CA GLY B 356 3.34 1.94 -10.64
C GLY B 356 4.56 1.98 -11.52
N MET B 357 4.35 1.94 -12.84
CA MET B 357 5.45 1.96 -13.79
C MET B 357 5.79 3.38 -14.18
N ASN B 358 7.04 3.54 -14.59
CA ASN B 358 7.52 4.83 -15.03
C ASN B 358 6.68 5.35 -16.17
N ASP B 359 6.06 6.52 -15.96
CA ASP B 359 5.08 7.02 -16.89
C ASP B 359 5.65 7.44 -18.23
N MET B 360 6.84 8.04 -18.21
CA MET B 360 7.44 8.45 -19.48
C MET B 360 7.80 7.23 -20.32
N ALA B 361 8.24 6.15 -19.68
CA ALA B 361 8.50 4.90 -20.42
C ALA B 361 7.21 4.37 -21.04
N VAL B 362 6.13 4.32 -20.25
CA VAL B 362 4.85 3.91 -20.80
C VAL B 362 4.39 4.81 -21.95
N ALA B 363 4.54 6.14 -21.78
CA ALA B 363 4.16 7.10 -22.82
C ALA B 363 4.98 6.87 -24.08
N ASP B 364 6.24 6.45 -23.90
CA ASP B 364 7.11 6.19 -25.06
C ASP B 364 6.60 4.94 -25.76
N ALA B 365 6.30 3.90 -24.99
CA ALA B 365 5.68 2.68 -25.52
C ALA B 365 4.42 3.00 -26.35
N LEU B 366 3.53 3.81 -25.77
CA LEU B 366 2.28 4.20 -26.42
C LEU B 366 2.47 4.99 -27.72
N THR B 367 3.32 6.00 -27.64
CA THR B 367 3.72 6.79 -28.81
C THR B 367 4.20 5.89 -29.95
N THR B 368 5.05 4.92 -29.62
CA THR B 368 5.60 4.02 -30.63
C THR B 368 4.43 3.24 -31.25
N PHE B 369 3.55 2.71 -30.40
CA PHE B 369 2.38 1.99 -30.87
C PHE B 369 1.46 2.86 -31.74
N PHE B 370 1.17 4.08 -31.30
CA PHE B 370 0.43 5.04 -32.13
C PHE B 370 1.09 5.22 -33.50
N GLU B 371 2.41 5.43 -33.53
CA GLU B 371 3.13 5.59 -34.80
C GLU B 371 2.83 4.41 -35.71
N ARG B 372 3.10 3.21 -35.20
CA ARG B 372 2.89 1.97 -35.93
C ARG B 372 1.47 1.75 -36.47
N ARG B 373 0.45 2.25 -35.77
CA ARG B 373 -0.91 2.26 -36.30
C ARG B 373 -1.20 3.48 -37.21
N GLY B 374 -0.24 4.40 -37.30
CA GLY B 374 -0.44 5.65 -38.04
C GLY B 374 -1.47 6.58 -37.40
N TRP B 375 -1.68 6.47 -36.08
CA TRP B 375 -2.38 7.51 -35.32
C TRP B 375 -1.33 8.62 -35.11
N SER B 376 -1.11 9.37 -36.18
CA SER B 376 -0.01 10.33 -36.28
C SER B 376 -0.13 11.53 -35.34
N GLU B 377 -1.37 12.03 -35.14
CA GLU B 377 -1.66 13.11 -34.19
C GLU B 377 -1.48 12.65 -32.75
N MET B 378 -2.16 11.56 -32.43
CA MET B 378 -2.03 10.86 -31.16
C MET B 378 -0.54 10.77 -30.82
N ALA B 379 0.25 10.23 -31.74
CA ALA B 379 1.69 10.07 -31.52
C ALA B 379 2.42 11.39 -31.34
N ARG B 380 2.04 12.41 -32.11
CA ARG B 380 2.70 13.72 -32.02
C ARG B 380 2.41 14.45 -30.69
N THR B 381 1.16 14.40 -30.24
CA THR B 381 0.75 15.22 -29.10
C THR B 381 0.70 14.51 -27.75
N TYR B 382 0.68 13.17 -27.72
CA TYR B 382 0.44 12.44 -26.48
C TYR B 382 1.34 12.84 -25.28
N GLU B 383 2.66 12.76 -25.45
CA GLU B 383 3.61 13.01 -24.36
C GLU B 383 3.45 14.43 -23.86
N THR B 384 3.44 15.37 -24.81
CA THR B 384 3.27 16.80 -24.53
C THR B 384 1.99 17.06 -23.69
N THR B 385 0.89 16.48 -24.13
CA THR B 385 -0.42 16.69 -23.51
C THR B 385 -0.40 16.08 -22.12
N LEU B 386 0.13 14.86 -22.03
CA LEU B 386 0.22 14.15 -20.76
C LEU B 386 0.99 14.99 -19.75
N LYS B 387 2.18 15.47 -20.15
CA LYS B 387 2.94 16.40 -19.33
C LYS B 387 2.15 17.65 -18.92
N SER B 388 1.38 18.18 -19.86
CA SER B 388 0.64 19.43 -19.60
C SER B 388 -0.43 19.24 -18.52
N TYR B 389 -0.84 17.99 -18.27
CA TYR B 389 -1.82 17.71 -17.20
C TYR B 389 -1.19 17.88 -15.84
N TYR B 390 0.11 17.60 -15.78
CA TYR B 390 0.85 17.66 -14.53
C TYR B 390 2.12 18.45 -14.79
N PRO B 391 1.95 19.74 -15.13
CA PRO B 391 3.08 20.51 -15.75
C PRO B 391 4.21 20.85 -14.79
N HIS B 392 3.94 20.73 -13.50
CA HIS B 392 4.94 20.98 -12.47
C HIS B 392 5.53 19.71 -11.88
N ALA B 393 5.16 18.56 -12.44
CA ALA B 393 5.70 17.28 -11.98
C ALA B 393 7.12 17.08 -12.51
N ASP B 394 7.91 16.31 -11.76
CA ASP B 394 9.18 15.79 -12.27
C ASP B 394 8.81 14.62 -13.18
N HIS B 395 8.55 14.93 -14.45
CA HIS B 395 7.90 13.98 -15.36
C HIS B 395 8.61 12.65 -15.47
N ASP B 396 9.93 12.68 -15.45
CA ASP B 396 10.66 11.45 -15.64
C ASP B 396 10.60 10.55 -14.42
N LYS B 397 10.10 11.05 -13.32
CA LYS B 397 10.07 10.24 -12.12
C LYS B 397 8.66 9.74 -11.81
N LEU B 398 7.67 10.25 -12.55
CA LEU B 398 6.27 9.90 -12.36
C LEU B 398 6.08 8.40 -12.59
N ASN B 399 5.31 7.76 -11.71
CA ASN B 399 5.07 6.33 -11.84
C ASN B 399 3.67 6.00 -11.32
N TYR B 400 2.72 6.89 -11.59
CA TYR B 400 1.32 6.66 -11.16
C TYR B 400 0.26 7.28 -12.12
N LEU B 401 0.67 7.83 -13.27
CA LEU B 401 -0.33 8.45 -14.17
C LEU B 401 -1.13 7.42 -14.97
N HIS B 402 -0.42 6.47 -15.58
CA HIS B 402 -1.08 5.43 -16.40
C HIS B 402 -1.51 4.33 -15.46
N ALA B 403 -2.81 4.26 -15.21
CA ALA B 403 -3.38 3.18 -14.43
C ALA B 403 -3.48 1.92 -15.29
N TYR B 404 -4.00 2.07 -16.51
CA TYR B 404 -4.30 0.94 -17.39
C TYR B 404 -4.26 1.40 -18.79
N ILE B 405 -3.86 0.48 -19.68
CA ILE B 405 -4.05 0.62 -21.11
C ILE B 405 -4.94 -0.56 -21.51
N SER B 406 -5.99 -0.27 -22.27
CA SER B 406 -6.94 -1.29 -22.73
C SER B 406 -6.68 -1.60 -24.19
N PHE B 407 -7.01 -2.83 -24.59
CA PHE B 407 -6.95 -3.16 -25.98
C PHE B 407 -7.98 -4.18 -26.36
N SER B 408 -8.61 -3.90 -27.48
CA SER B 408 -9.50 -4.85 -28.12
C SER B 408 -9.31 -4.64 -29.59
N TYR B 409 -9.86 -5.56 -30.37
CA TYR B 409 -9.71 -5.53 -31.81
C TYR B 409 -11.10 -5.71 -32.37
N ARG B 410 -11.76 -4.59 -32.71
CA ARG B 410 -13.21 -4.57 -32.97
C ARG B 410 -13.50 -4.42 -34.46
N ASP B 411 -14.27 -5.35 -35.03
CA ASP B 411 -14.49 -5.37 -36.49
C ASP B 411 -13.17 -5.00 -37.16
N ARG B 412 -12.13 -5.72 -36.75
CA ARG B 412 -10.80 -5.63 -37.37
C ARG B 412 -10.13 -4.24 -37.28
N THR B 413 -10.52 -3.48 -36.24
CA THR B 413 -9.91 -2.18 -35.92
C THR B 413 -9.22 -2.23 -34.55
N PRO B 414 -7.95 -1.80 -34.45
CA PRO B 414 -7.36 -1.77 -33.11
C PRO B 414 -8.07 -0.70 -32.27
N TYR B 415 -8.35 -1.04 -31.03
CA TYR B 415 -9.06 -0.15 -30.14
C TYR B 415 -8.18 -0.02 -28.87
N LEU B 416 -7.84 1.20 -28.50
CA LEU B 416 -6.93 1.41 -27.38
C LEU B 416 -7.36 2.60 -26.55
N SER B 417 -7.40 2.43 -25.23
CA SER B 417 -7.68 3.52 -24.30
C SER B 417 -6.64 3.56 -23.19
N VAL B 418 -6.34 4.74 -22.67
CA VAL B 418 -5.43 4.83 -21.55
C VAL B 418 -6.27 5.45 -20.47
N TYR B 419 -6.06 4.97 -19.24
CA TYR B 419 -6.81 5.37 -18.05
C TYR B 419 -5.83 6.11 -17.17
N LEU B 420 -6.10 7.38 -16.88
CA LEU B 420 -5.07 8.25 -16.37
C LEU B 420 -5.48 8.83 -15.06
N GLN B 421 -4.52 8.93 -14.14
CA GLN B 421 -4.67 9.68 -12.90
C GLN B 421 -5.28 11.03 -13.25
N SER B 422 -6.39 11.38 -12.60
CA SER B 422 -7.16 12.62 -12.90
C SER B 422 -7.43 13.39 -11.62
N PHE B 423 -6.40 14.08 -11.13
CA PHE B 423 -6.44 14.66 -9.79
C PHE B 423 -5.31 15.67 -9.62
N GLU B 424 -5.66 16.87 -9.16
CA GLU B 424 -4.68 17.91 -8.94
C GLU B 424 -3.84 18.23 -10.17
N THR B 425 -4.55 18.61 -11.23
CA THR B 425 -3.96 18.85 -12.50
C THR B 425 -3.65 20.33 -12.77
N GLY B 426 -2.97 20.59 -13.87
CA GLY B 426 -2.63 21.95 -14.27
C GLY B 426 -1.94 22.67 -13.13
N ASP B 427 -2.36 23.90 -12.88
CA ASP B 427 -1.71 24.74 -11.89
C ASP B 427 -2.08 24.41 -10.45
N TRP B 428 -2.60 23.23 -10.19
CA TRP B 428 -2.92 22.92 -8.81
C TRP B 428 -1.67 23.10 -7.97
O4 DST C . 14.11 -7.93 21.75
P1 DST C . 15.21 -7.64 20.79
O6 DST C . 16.28 -8.80 20.70
O5 DST C . 16.17 -6.41 21.07
O2 DST C . 14.44 -7.49 19.31
P3 DST C . 14.63 -6.19 18.36
O8 DST C . 14.19 -4.91 18.92
O7 DST C . 16.03 -6.33 17.88
S9 DST C . 13.25 -6.76 17.09
C10 DST C . 13.00 -5.23 16.05
C11 DST C . 12.10 -5.56 15.02
C12 DST C . 10.71 -5.34 14.88
C13 DST C . 9.85 -4.50 15.87
C14 DST C . 10.03 -5.91 13.63
N TRP D . 9.53 -1.16 10.25
CA TRP D . 10.32 -2.39 10.20
C TRP D . 10.02 -3.24 8.96
O TRP D . 9.01 -2.98 8.32
CB TRP D . 10.05 -3.21 11.46
CG TRP D . 10.58 -2.56 12.71
CD1 TRP D . 9.87 -1.76 13.60
CD2 TRP D . 11.91 -2.64 13.21
NE1 TRP D . 10.70 -1.35 14.64
CE2 TRP D . 11.96 -1.87 14.42
CE3 TRP D . 13.08 -3.29 12.76
CZ2 TRP D . 13.15 -1.73 15.18
CZ3 TRP D . 14.25 -3.13 13.50
CH2 TRP D . 14.27 -2.36 14.70
OXT TRP D . 10.71 -4.20 8.58
C1 GOL E . -4.26 5.49 5.13
O1 GOL E . -3.33 6.35 5.73
C2 GOL E . -3.42 4.27 4.88
O2 GOL E . -3.05 3.76 6.16
C3 GOL E . -4.12 3.36 3.86
O3 GOL E . -3.12 2.85 2.94
C1 GOL F . 30.60 0.30 1.45
O1 GOL F . 30.39 1.43 2.25
C2 GOL F . 29.37 -0.49 1.81
O2 GOL F . 29.68 -1.50 2.74
C3 GOL F . 28.60 -0.91 0.58
O3 GOL F . 27.95 -2.11 0.86
O4 DST G . -13.48 0.53 -24.01
P1 DST G . -14.74 0.55 -22.99
O6 DST G . -15.30 1.92 -22.75
O5 DST G . -15.87 -0.49 -23.48
O2 DST G . -14.07 -0.04 -21.68
P3 DST G . -14.41 0.65 -20.18
O8 DST G . -13.74 1.98 -20.08
O7 DST G . -15.90 0.57 -19.97
S9 DST G . -13.25 -0.72 -19.17
C10 DST G . -12.96 0.06 -17.53
C11 DST G . -12.24 -0.87 -16.75
C12 DST G . -10.87 -0.96 -16.43
C13 DST G . -10.41 -2.16 -15.58
C14 DST G . -9.82 0.09 -16.88
N TRP H . -10.14 0.42 -10.40
CA TRP H . -10.90 -0.67 -11.00
C TRP H . -10.74 -2.00 -10.26
O TRP H . -11.50 -2.96 -10.44
CB TRP H . -10.45 -0.84 -12.44
CG TRP H . -10.69 0.43 -13.21
CD1 TRP H . -9.78 1.42 -13.52
CD2 TRP H . -11.95 0.86 -13.75
NE1 TRP H . -10.39 2.42 -14.25
CE2 TRP H . -11.71 2.11 -14.39
CE3 TRP H . -13.23 0.30 -13.77
CZ2 TRP H . -12.75 2.82 -15.03
CZ3 TRP H . -14.24 1.00 -14.40
CH2 TRP H . -13.99 2.25 -15.04
OXT TRP H . -9.83 -2.13 -9.43
#